data_5LNT
#
_entry.id   5LNT
#
_cell.length_a   177.900
_cell.length_b   177.900
_cell.length_c   115.020
_cell.angle_alpha   90.000
_cell.angle_beta   90.000
_cell.angle_gamma   120.000
#
_symmetry.space_group_name_H-M   'H 3'
#
loop_
_entity.id
_entity.type
_entity.pdbx_description
1 polymer "Pyridoxal 5'-phosphate synthase subunit PDX1.1"
2 non-polymer '[(~{E},4~{S})-4-azanyl-3-oxidanylidene-pent-1-enyl] dihydrogen phosphate'
3 non-polymer 'PHOSPHATE ION'
4 water water
#
_entity_poly.entity_id   1
_entity_poly.type   'polypeptide(L)'
_entity_poly.pdbx_seq_one_letter_code
;MAGTGVVAVYGEGAMTETKQKSPFSVKVGLAQMLRGGVIMDVVNAEQARIAEEAGACAVMALERVPADIRAQGGVARMSD
PEMIKEIKNAVTIPVMAKARIGHFVEAQILEAIGVDYVDESEVLTLADEDNHINKHNFKIPFVCGCRNLGEALRRIREGA
AMIRTRGEAGTGNVVEAVRHVRSVNGAIRLLRSMDDDEVFTYAKKIAAPYDLVVQTKELGRLPVVQFAAGGVATPADAAL
MMQLGCDGVFVGSGVFKSGDPVKRAKAIVQAVTNYRDAAVLAEVSCGLGEAMVGLNLDDKVERFASRSEEHHHHHH
;
_entity_poly.pdbx_strand_id   A,B,C,D
#
# COMPACT_ATOMS: atom_id res chain seq x y z
N LYS A 21 31.35 -14.74 2.36
CA LYS A 21 32.34 -15.07 1.34
C LYS A 21 32.62 -13.90 0.37
N SER A 22 31.56 -13.34 -0.24
CA SER A 22 31.73 -12.36 -1.30
C SER A 22 32.29 -11.05 -0.76
N PRO A 23 33.04 -10.30 -1.59
CA PRO A 23 33.52 -8.97 -1.15
C PRO A 23 32.39 -8.04 -0.73
N PHE A 24 31.23 -8.09 -1.38
CA PHE A 24 30.14 -7.20 -0.98
C PHE A 24 29.67 -7.53 0.44
N SER A 25 29.48 -8.82 0.74
CA SER A 25 29.01 -9.20 2.06
C SER A 25 30.03 -8.85 3.14
N VAL A 26 31.32 -8.77 2.78
CA VAL A 26 32.32 -8.33 3.73
C VAL A 26 32.14 -6.84 4.05
N LYS A 27 31.86 -6.03 3.02
CA LYS A 27 31.61 -4.62 3.28
C LYS A 27 30.34 -4.44 4.10
N VAL A 28 29.29 -5.19 3.76
CA VAL A 28 28.05 -5.12 4.52
C VAL A 28 28.31 -5.52 5.97
N GLY A 29 29.09 -6.59 6.17
CA GLY A 29 29.44 -7.02 7.52
C GLY A 29 30.13 -5.93 8.31
N LEU A 30 31.11 -5.25 7.69
CA LEU A 30 31.86 -4.23 8.41
C LEU A 30 30.96 -3.09 8.90
N ALA A 31 29.94 -2.73 8.11
CA ALA A 31 29.08 -1.62 8.50
C ALA A 31 28.25 -1.91 9.75
N GLN A 32 28.08 -3.20 10.09
CA GLN A 32 27.33 -3.57 11.29
C GLN A 32 27.88 -2.91 12.53
N MET A 33 29.19 -2.60 12.53
CA MET A 33 29.82 -2.01 13.69
C MET A 33 29.22 -0.66 14.05
N LEU A 34 28.51 -0.03 13.10
CA LEU A 34 27.99 1.31 13.31
C LEU A 34 26.61 1.31 13.93
N ARG A 35 25.99 0.14 14.12
CA ARG A 35 24.67 0.09 14.73
C ARG A 35 24.71 0.71 16.11
N GLY A 36 23.70 1.51 16.41
CA GLY A 36 23.64 2.24 17.66
C GLY A 36 24.43 3.53 17.66
N GLY A 37 25.01 3.92 16.54
CA GLY A 37 25.92 5.03 16.50
C GLY A 37 25.32 6.30 15.91
N VAL A 38 26.03 7.40 16.12
CA VAL A 38 25.75 8.68 15.48
C VAL A 38 26.93 9.03 14.59
N ILE A 39 26.64 9.34 13.33
CA ILE A 39 27.65 9.80 12.40
C ILE A 39 27.45 11.29 12.22
N MET A 40 28.50 12.07 12.44
CA MET A 40 28.40 13.52 12.45
C MET A 40 29.18 14.13 11.29
N ASP A 41 28.52 15.02 10.55
CA ASP A 41 29.20 15.78 9.52
C ASP A 41 30.22 16.71 10.17
N VAL A 42 31.42 16.72 9.61
CA VAL A 42 32.49 17.60 10.06
C VAL A 42 33.09 18.27 8.83
N VAL A 43 33.44 19.55 8.96
CA VAL A 43 34.10 20.27 7.86
C VAL A 43 35.55 20.61 8.18
N ASN A 44 36.02 20.33 9.39
CA ASN A 44 37.42 20.50 9.75
C ASN A 44 37.76 19.51 10.86
N ALA A 45 39.03 19.52 11.29
CA ALA A 45 39.48 18.57 12.29
C ALA A 45 38.97 18.91 13.68
N GLU A 46 38.65 20.18 13.93
CA GLU A 46 38.07 20.54 15.22
C GLU A 46 36.72 19.87 15.40
N GLN A 47 35.85 19.99 14.39
CA GLN A 47 34.55 19.33 14.43
C GLN A 47 34.70 17.83 14.59
N ALA A 48 35.62 17.22 13.82
CA ALA A 48 35.85 15.78 13.92
C ALA A 48 36.26 15.36 15.32
N ARG A 49 37.11 16.16 15.97
CA ARG A 49 37.55 15.82 17.31
C ARG A 49 36.42 15.94 18.32
N ILE A 50 35.61 17.00 18.20
CA ILE A 50 34.42 17.14 19.04
C ILE A 50 33.52 15.93 18.85
N ALA A 51 33.24 15.59 17.59
CA ALA A 51 32.38 14.46 17.28
C ALA A 51 32.89 13.17 17.93
N GLU A 52 34.20 12.92 17.86
CA GLU A 52 34.72 11.69 18.43
C GLU A 52 34.61 11.68 19.95
N GLU A 53 34.85 12.84 20.58
CA GLU A 53 34.80 12.92 22.03
C GLU A 53 33.37 12.81 22.52
N ALA A 54 32.41 13.32 21.75
CA ALA A 54 31.00 13.19 22.08
C ALA A 54 30.51 11.75 21.97
N GLY A 55 31.31 10.85 21.41
CA GLY A 55 30.94 9.46 21.26
C GLY A 55 30.35 9.08 19.92
N ALA A 56 30.54 9.90 18.88
CA ALA A 56 30.12 9.54 17.53
C ALA A 56 30.81 8.25 17.08
N CYS A 57 30.08 7.42 16.34
CA CYS A 57 30.69 6.21 15.81
C CYS A 57 31.53 6.46 14.57
N ALA A 58 31.38 7.62 13.92
CA ALA A 58 32.14 7.96 12.72
C ALA A 58 31.87 9.41 12.41
N VAL A 59 32.75 9.99 11.57
CA VAL A 59 32.54 11.34 11.10
C VAL A 59 32.40 11.30 9.58
N MET A 60 31.81 12.37 9.05
CA MET A 60 31.53 12.50 7.64
C MET A 60 32.20 13.80 7.18
N ALA A 61 33.28 13.67 6.42
CA ALA A 61 34.02 14.83 5.95
C ALA A 61 33.34 15.44 4.73
N LEU A 62 33.00 16.72 4.81
CA LEU A 62 32.44 17.38 3.65
C LEU A 62 32.88 18.84 3.65
N GLU A 63 32.67 19.50 2.50
CA GLU A 63 33.15 20.87 2.33
C GLU A 63 32.35 21.85 3.18
N ARG A 64 31.02 21.73 3.17
CA ARG A 64 30.13 22.58 3.95
C ARG A 64 28.99 21.72 4.49
N VAL A 65 28.51 22.05 5.69
CA VAL A 65 27.39 21.31 6.26
C VAL A 65 26.16 21.58 5.41
N PRO A 66 25.16 20.67 5.39
CA PRO A 66 24.02 20.85 4.48
C PRO A 66 23.27 22.17 4.64
N ALA A 67 23.11 22.68 5.86
CA ALA A 67 22.44 23.98 6.04
C ALA A 67 23.17 25.09 5.29
N ASP A 68 24.51 25.04 5.27
CA ASP A 68 25.29 26.06 4.56
C ASP A 68 25.19 25.90 3.05
N ILE A 69 25.30 24.66 2.57
CA ILE A 69 25.09 24.39 1.15
C ILE A 69 23.72 24.91 0.71
N ARG A 70 22.69 24.60 1.49
CA ARG A 70 21.33 25.03 1.14
C ARG A 70 21.22 26.54 1.09
N ALA A 71 21.77 27.22 2.10
CA ALA A 71 21.62 28.68 2.19
C ALA A 71 22.54 29.42 1.21
N GLN A 72 23.74 28.92 0.97
CA GLN A 72 24.69 29.61 0.12
C GLN A 72 24.54 29.28 -1.36
N GLY A 73 24.03 28.10 -1.70
CA GLY A 73 24.03 27.71 -3.09
C GLY A 73 25.46 27.39 -3.55
N GLY A 74 25.64 27.45 -4.86
CA GLY A 74 26.92 27.11 -5.47
C GLY A 74 27.09 25.62 -5.66
N VAL A 75 28.03 25.25 -6.53
CA VAL A 75 28.31 23.84 -6.76
C VAL A 75 29.07 23.27 -5.57
N ALA A 76 28.56 22.15 -5.02
CA ALA A 76 29.18 21.48 -3.88
C ALA A 76 29.82 20.18 -4.35
N ARG A 77 31.12 20.04 -4.14
CA ARG A 77 31.89 18.90 -4.65
C ARG A 77 32.54 18.15 -3.50
N MET A 78 33.21 17.05 -3.84
CA MET A 78 34.09 16.35 -2.92
C MET A 78 35.01 17.33 -2.21
N SER A 79 35.27 17.05 -0.94
CA SER A 79 36.22 17.85 -0.18
C SER A 79 37.61 17.76 -0.81
N ASP A 80 38.38 18.83 -0.64
CA ASP A 80 39.79 18.80 -1.00
C ASP A 80 40.49 17.71 -0.19
N PRO A 81 41.31 16.85 -0.82
CA PRO A 81 41.95 15.75 -0.06
C PRO A 81 42.78 16.21 1.13
N GLU A 82 43.37 17.41 1.06
CA GLU A 82 44.08 17.93 2.23
C GLU A 82 43.16 17.99 3.43
N MET A 83 41.93 18.49 3.24
CA MET A 83 40.96 18.54 4.33
C MET A 83 40.70 17.16 4.89
N ILE A 84 40.55 16.17 4.02
CA ILE A 84 40.24 14.82 4.48
C ILE A 84 41.40 14.23 5.27
N LYS A 85 42.64 14.38 4.77
CA LYS A 85 43.77 13.85 5.51
C LYS A 85 43.86 14.48 6.90
N GLU A 86 43.60 15.79 7.00
CA GLU A 86 43.54 16.44 8.30
C GLU A 86 42.50 15.79 9.21
N ILE A 87 41.34 15.42 8.66
CA ILE A 87 40.29 14.85 9.49
C ILE A 87 40.65 13.42 9.89
N LYS A 88 41.15 12.62 8.94
CA LYS A 88 41.64 11.28 9.27
C LYS A 88 42.68 11.32 10.38
N ASN A 89 43.58 12.30 10.33
CA ASN A 89 44.64 12.42 11.32
C ASN A 89 44.12 12.77 12.70
N ALA A 90 42.96 13.43 12.77
CA ALA A 90 42.47 13.98 14.02
C ALA A 90 41.67 12.99 14.86
N VAL A 91 41.28 11.85 14.29
CA VAL A 91 40.37 10.93 14.96
C VAL A 91 40.80 9.51 14.63
N THR A 92 40.33 8.58 15.45
CA THR A 92 40.60 7.16 15.22
C THR A 92 39.36 6.40 14.81
N ILE A 93 38.16 6.97 14.99
CA ILE A 93 36.93 6.36 14.51
C ILE A 93 36.89 6.48 12.99
N PRO A 94 36.04 5.74 12.29
CA PRO A 94 36.06 5.78 10.83
C PRO A 94 35.75 7.16 10.26
N VAL A 95 36.38 7.47 9.13
CA VAL A 95 36.16 8.71 8.42
C VAL A 95 35.46 8.40 7.10
N MET A 96 34.29 8.99 6.93
CA MET A 96 33.53 8.95 5.70
C MET A 96 33.69 10.26 4.95
N ALA A 97 33.46 10.22 3.65
CA ALA A 97 33.54 11.45 2.86
C ALA A 97 32.51 11.43 1.73
N LYS A 98 32.01 12.61 1.40
CA LYS A 98 30.97 12.72 0.39
C LYS A 98 31.58 12.87 -0.98
N ALA A 99 30.95 12.20 -1.94
CA ALA A 99 31.26 12.34 -3.35
C ALA A 99 29.96 12.67 -4.07
N ARG A 100 30.06 13.41 -5.17
CA ARG A 100 28.87 13.75 -5.92
C ARG A 100 28.27 12.49 -6.55
N ILE A 101 26.95 12.49 -6.72
CA ILE A 101 26.30 11.34 -7.34
C ILE A 101 26.81 11.18 -8.76
N GLY A 102 27.24 9.97 -9.10
CA GLY A 102 27.75 9.67 -10.41
C GLY A 102 29.22 9.96 -10.61
N HIS A 103 29.84 10.73 -9.71
CA HIS A 103 31.23 11.16 -9.92
C HIS A 103 32.16 10.06 -9.41
N PHE A 104 32.32 9.02 -10.22
CA PHE A 104 33.14 7.89 -9.77
C PHE A 104 34.60 8.26 -9.62
N VAL A 105 35.07 9.31 -10.30
CA VAL A 105 36.46 9.70 -10.13
C VAL A 105 36.68 10.34 -8.76
N GLU A 106 35.73 11.17 -8.30
CA GLU A 106 35.80 11.66 -6.93
C GLU A 106 35.88 10.51 -5.93
N ALA A 107 35.08 9.46 -6.15
CA ALA A 107 35.18 8.30 -5.26
C ALA A 107 36.53 7.59 -5.39
N GLN A 108 37.06 7.48 -6.61
CA GLN A 108 38.38 6.85 -6.78
C GLN A 108 39.43 7.58 -5.97
N ILE A 109 39.36 8.91 -5.97
CA ILE A 109 40.29 9.74 -5.21
C ILE A 109 40.11 9.50 -3.71
N LEU A 110 38.85 9.54 -3.25
CA LEU A 110 38.58 9.31 -1.83
C LEU A 110 39.11 7.95 -1.39
N GLU A 111 38.97 6.94 -2.25
CA GLU A 111 39.48 5.62 -1.94
C GLU A 111 40.99 5.63 -1.87
N ALA A 112 41.64 6.30 -2.82
CA ALA A 112 43.10 6.33 -2.85
C ALA A 112 43.69 7.04 -1.64
N ILE A 113 42.99 8.04 -1.10
CA ILE A 113 43.51 8.74 0.07
C ILE A 113 43.07 8.05 1.36
N GLY A 114 42.43 6.88 1.25
CA GLY A 114 42.23 6.04 2.42
C GLY A 114 41.03 6.36 3.29
N VAL A 115 39.98 7.00 2.76
CA VAL A 115 38.79 7.16 3.60
C VAL A 115 38.17 5.79 3.85
N ASP A 116 37.36 5.70 4.91
CA ASP A 116 36.76 4.41 5.24
C ASP A 116 35.47 4.15 4.49
N TYR A 117 34.67 5.19 4.24
CA TYR A 117 33.43 5.06 3.50
C TYR A 117 33.27 6.27 2.58
N VAL A 118 32.76 6.04 1.38
CA VAL A 118 32.29 7.11 0.53
C VAL A 118 30.78 7.20 0.67
N ASP A 119 30.29 8.40 0.95
CA ASP A 119 28.86 8.69 0.90
C ASP A 119 28.57 9.36 -0.45
N GLU A 120 27.95 8.61 -1.35
CA GLU A 120 27.50 9.16 -2.62
C GLU A 120 26.22 9.93 -2.29
N SER A 121 26.35 11.24 -2.14
CA SER A 121 25.41 12.05 -1.40
C SER A 121 24.67 13.03 -2.28
N GLU A 122 23.36 13.14 -2.07
CA GLU A 122 22.53 14.13 -2.73
C GLU A 122 22.73 15.54 -2.19
N VAL A 123 23.37 15.71 -1.02
CA VAL A 123 23.61 17.08 -0.60
C VAL A 123 24.69 17.74 -1.45
N LEU A 124 25.58 16.96 -2.07
CA LEU A 124 26.49 17.55 -3.04
C LEU A 124 25.77 17.69 -4.39
N THR A 125 26.35 18.48 -5.27
CA THR A 125 25.73 18.73 -6.56
C THR A 125 25.82 17.49 -7.43
N LEU A 126 24.67 16.99 -7.83
CA LEU A 126 24.57 15.87 -8.77
C LEU A 126 25.51 16.05 -9.97
N ALA A 127 26.32 15.04 -10.26
CA ALA A 127 27.21 15.08 -11.41
C ALA A 127 26.71 14.26 -12.59
N ASP A 128 25.90 13.25 -12.32
CA ASP A 128 25.33 12.42 -13.38
C ASP A 128 23.87 12.23 -12.99
N GLU A 129 22.96 12.85 -13.76
CA GLU A 129 21.55 12.78 -13.39
C GLU A 129 20.93 11.43 -13.72
N ASP A 130 21.63 10.56 -14.45
CA ASP A 130 21.03 9.32 -14.92
C ASP A 130 21.63 8.05 -14.33
N ASN A 131 22.81 8.11 -13.70
CA ASN A 131 23.44 6.93 -13.14
C ASN A 131 24.14 7.30 -11.84
N HIS A 132 24.15 6.35 -10.90
CA HIS A 132 25.00 6.46 -9.73
C HIS A 132 26.32 5.74 -9.98
N ILE A 133 27.24 5.87 -9.02
CA ILE A 133 28.54 5.23 -9.17
C ILE A 133 28.35 3.73 -9.16
N ASN A 134 29.15 3.04 -9.98
CA ASN A 134 29.22 1.57 -9.90
C ASN A 134 30.07 1.21 -8.69
N LYS A 135 29.41 1.05 -7.55
CA LYS A 135 30.15 0.92 -6.31
C LYS A 135 30.81 -0.44 -6.15
N HIS A 136 30.42 -1.42 -6.96
CA HIS A 136 31.10 -2.72 -6.91
C HIS A 136 32.54 -2.66 -7.40
N ASN A 137 32.94 -1.60 -8.10
CA ASN A 137 34.31 -1.49 -8.60
C ASN A 137 35.29 -1.03 -7.54
N PHE A 138 34.83 -0.75 -6.33
CA PHE A 138 35.66 -0.17 -5.28
C PHE A 138 35.88 -1.17 -4.16
N LYS A 139 37.00 -1.00 -3.47
CA LYS A 139 37.28 -1.88 -2.35
C LYS A 139 36.62 -1.36 -1.07
N ILE A 140 36.43 -0.05 -0.96
CA ILE A 140 35.89 0.51 0.27
C ILE A 140 34.37 0.63 0.19
N PRO A 141 33.68 0.57 1.32
CA PRO A 141 32.21 0.56 1.28
C PRO A 141 31.64 1.95 1.00
N PHE A 142 30.43 1.96 0.43
CA PHE A 142 29.68 3.17 0.15
C PHE A 142 28.42 3.25 0.99
N VAL A 143 28.07 4.49 1.38
CA VAL A 143 26.74 4.86 1.84
C VAL A 143 25.99 5.54 0.69
N CYS A 144 24.70 5.29 0.59
CA CYS A 144 23.85 5.97 -0.37
C CYS A 144 22.57 6.40 0.31
N GLY A 145 21.96 7.46 -0.24
CA GLY A 145 20.70 7.95 0.28
C GLY A 145 19.50 7.26 -0.36
N CYS A 146 18.35 7.38 0.29
CA CYS A 146 17.13 6.88 -0.31
C CYS A 146 15.96 7.60 0.34
N ARG A 147 14.87 7.72 -0.43
CA ARG A 147 13.58 8.19 0.09
C ARG A 147 12.57 7.08 0.26
N ASN A 148 12.80 5.92 -0.36
CA ASN A 148 11.85 4.82 -0.32
C ASN A 148 12.62 3.52 -0.53
N LEU A 149 11.90 2.40 -0.45
CA LEU A 149 12.55 1.10 -0.46
C LEU A 149 13.16 0.77 -1.81
N GLY A 150 12.45 1.09 -2.90
CA GLY A 150 13.00 0.81 -4.21
C GLY A 150 14.32 1.52 -4.45
N GLU A 151 14.36 2.81 -4.10
CA GLU A 151 15.60 3.56 -4.17
C GLU A 151 16.70 2.87 -3.36
N ALA A 152 16.37 2.43 -2.14
CA ALA A 152 17.36 1.78 -1.28
C ALA A 152 17.90 0.53 -1.95
N LEU A 153 17.00 -0.30 -2.49
CA LEU A 153 17.47 -1.55 -3.08
C LEU A 153 18.27 -1.32 -4.36
N ARG A 154 17.94 -0.29 -5.14
CA ARG A 154 18.73 0.00 -6.33
C ARG A 154 20.13 0.44 -5.96
N ARG A 155 20.24 1.31 -4.95
CA ARG A 155 21.55 1.68 -4.43
C ARG A 155 22.31 0.44 -3.95
N ILE A 156 21.62 -0.46 -3.26
CA ILE A 156 22.30 -1.64 -2.75
C ILE A 156 22.77 -2.52 -3.91
N ARG A 157 21.95 -2.62 -4.97
CA ARG A 157 22.37 -3.43 -6.10
C ARG A 157 23.59 -2.84 -6.79
N GLU A 158 23.69 -1.51 -6.82
CA GLU A 158 24.89 -0.87 -7.35
C GLU A 158 26.09 -1.10 -6.45
N GLY A 159 25.89 -1.53 -5.20
CA GLY A 159 26.98 -1.86 -4.32
C GLY A 159 27.06 -1.07 -3.04
N ALA A 160 26.06 -0.23 -2.74
CA ALA A 160 26.02 0.46 -1.46
C ALA A 160 26.02 -0.56 -0.32
N ALA A 161 26.93 -0.39 0.63
CA ALA A 161 27.02 -1.28 1.77
C ALA A 161 26.19 -0.80 2.96
N MET A 162 25.54 0.37 2.83
CA MET A 162 24.80 0.96 3.93
C MET A 162 23.91 2.04 3.35
N ILE A 163 22.75 2.21 3.97
CA ILE A 163 21.73 3.10 3.41
C ILE A 163 21.40 4.17 4.42
N ARG A 164 21.31 5.40 3.91
CA ARG A 164 20.97 6.59 4.66
C ARG A 164 19.58 7.00 4.19
N THR A 165 18.60 6.88 5.06
CA THR A 165 17.22 7.19 4.69
C THR A 165 17.03 8.67 4.93
N ARG A 166 17.04 9.44 3.85
CA ARG A 166 17.21 10.88 3.93
C ARG A 166 15.88 11.62 3.95
N GLY A 167 15.82 12.68 4.75
CA GLY A 167 14.72 13.61 4.67
C GLY A 167 15.16 14.84 3.90
N GLU A 168 15.03 16.01 4.52
CA GLU A 168 15.51 17.25 3.91
C GLU A 168 16.76 17.64 4.67
N ALA A 169 17.85 17.82 3.94
CA ALA A 169 19.09 18.18 4.57
C ALA A 169 19.13 19.68 4.83
N GLY A 170 19.61 20.06 6.02
CA GLY A 170 19.86 21.45 6.33
C GLY A 170 18.66 22.25 6.79
N THR A 171 17.51 21.63 7.07
CA THR A 171 16.34 22.40 7.46
C THR A 171 16.02 22.31 8.94
N GLY A 172 16.61 21.36 9.66
CA GLY A 172 16.22 21.13 11.03
C GLY A 172 14.83 20.62 11.22
N ASN A 173 14.16 20.23 10.13
CA ASN A 173 12.81 19.69 10.17
C ASN A 173 12.89 18.20 9.88
N VAL A 174 12.48 17.37 10.85
CA VAL A 174 12.56 15.92 10.67
C VAL A 174 11.42 15.37 9.82
N VAL A 175 10.50 16.23 9.35
CA VAL A 175 9.22 15.73 8.86
C VAL A 175 9.44 14.82 7.66
N GLU A 176 10.39 15.16 6.78
CA GLU A 176 10.64 14.34 5.61
C GLU A 176 11.43 13.07 5.96
N ALA A 177 12.35 13.15 6.93
CA ALA A 177 13.01 11.93 7.38
C ALA A 177 12.01 10.97 8.00
N VAL A 178 11.09 11.48 8.81
CA VAL A 178 10.04 10.64 9.36
C VAL A 178 9.24 10.00 8.23
N ARG A 179 8.90 10.81 7.22
CA ARG A 179 8.16 10.30 6.06
C ARG A 179 8.93 9.17 5.39
N HIS A 180 10.22 9.37 5.16
CA HIS A 180 10.99 8.38 4.41
C HIS A 180 11.37 7.15 5.26
N VAL A 181 11.61 7.33 6.56
CA VAL A 181 11.79 6.17 7.44
C VAL A 181 10.51 5.34 7.52
N ARG A 182 9.37 5.99 7.76
CA ARG A 182 8.11 5.25 7.78
C ARG A 182 7.82 4.60 6.43
N SER A 183 8.20 5.28 5.34
CA SER A 183 7.98 4.72 4.00
C SER A 183 8.82 3.46 3.79
N VAL A 184 10.14 3.56 4.02
CA VAL A 184 11.01 2.39 3.85
C VAL A 184 10.57 1.25 4.77
N ASN A 185 10.38 1.55 6.06
CA ASN A 185 10.00 0.50 6.99
C ASN A 185 8.57 0.03 6.77
N GLY A 186 7.67 0.94 6.38
CA GLY A 186 6.33 0.49 6.04
C GLY A 186 6.36 -0.47 4.88
N ALA A 187 7.17 -0.16 3.86
CA ALA A 187 7.28 -1.07 2.72
C ALA A 187 7.89 -2.41 3.13
N ILE A 188 8.86 -2.39 4.06
CA ILE A 188 9.46 -3.64 4.52
C ILE A 188 8.43 -4.46 5.27
N ARG A 189 7.67 -3.83 6.16
CA ARG A 189 6.60 -4.56 6.84
C ARG A 189 5.54 -5.01 5.83
N LEU A 190 5.23 -4.17 4.84
CA LEU A 190 4.34 -4.61 3.77
C LEU A 190 4.90 -5.85 3.08
N LEU A 191 6.20 -5.82 2.80
CA LEU A 191 6.84 -6.92 2.10
C LEU A 191 6.84 -8.18 2.96
N ARG A 192 7.07 -8.04 4.27
CA ARG A 192 7.24 -9.20 5.15
C ARG A 192 6.01 -10.09 5.13
N SER A 193 4.83 -9.50 5.11
CA SER A 193 3.58 -10.27 5.11
C SER A 193 2.97 -10.42 3.73
N MET A 194 3.67 -9.97 2.68
CA MET A 194 3.10 -10.01 1.35
C MET A 194 3.01 -11.45 0.83
N ASP A 195 1.89 -11.76 0.19
CA ASP A 195 1.77 -12.99 -0.59
C ASP A 195 2.95 -13.11 -1.57
N ASP A 196 3.63 -14.27 -1.55
CA ASP A 196 4.82 -14.49 -2.37
C ASP A 196 4.56 -14.23 -3.85
N ASP A 197 3.39 -14.60 -4.34
CA ASP A 197 3.10 -14.48 -5.77
C ASP A 197 3.00 -13.03 -6.21
N GLU A 198 2.83 -12.09 -5.26
CA GLU A 198 2.68 -10.68 -5.58
C GLU A 198 4.00 -9.93 -5.55
N VAL A 199 5.06 -10.57 -5.06
CA VAL A 199 6.36 -9.92 -4.94
C VAL A 199 6.97 -9.56 -6.29
N PHE A 200 6.71 -10.37 -7.33
CA PHE A 200 7.25 -10.04 -8.66
C PHE A 200 6.69 -8.71 -9.14
N THR A 201 5.37 -8.54 -9.05
CA THR A 201 4.75 -7.26 -9.41
C THR A 201 5.23 -6.14 -8.50
N TYR A 202 5.42 -6.44 -7.21
CA TYR A 202 5.89 -5.41 -6.31
C TYR A 202 7.27 -4.93 -6.71
N ALA A 203 8.17 -5.87 -7.06
CA ALA A 203 9.50 -5.50 -7.50
C ALA A 203 9.43 -4.61 -8.74
N LYS A 204 8.53 -4.93 -9.67
CA LYS A 204 8.33 -4.06 -10.84
C LYS A 204 7.84 -2.68 -10.40
N LYS A 205 6.83 -2.63 -9.54
CA LYS A 205 6.22 -1.37 -9.16
C LYS A 205 7.20 -0.43 -8.47
N ILE A 206 8.06 -0.95 -7.60
CA ILE A 206 9.03 -0.06 -6.96
C ILE A 206 10.35 -0.08 -7.74
N ALA A 207 10.35 -0.74 -8.90
CA ALA A 207 11.51 -0.76 -9.79
C ALA A 207 12.79 -1.16 -9.06
N ALA A 208 12.72 -2.26 -8.32
CA ALA A 208 13.84 -2.78 -7.55
C ALA A 208 14.22 -4.16 -8.06
N PRO A 209 15.49 -4.58 -7.87
CA PRO A 209 15.90 -5.93 -8.27
C PRO A 209 15.20 -6.98 -7.43
N TYR A 210 14.60 -7.96 -8.11
CA TYR A 210 13.73 -8.91 -7.44
C TYR A 210 14.47 -9.66 -6.34
N ASP A 211 15.72 -10.06 -6.59
CA ASP A 211 16.44 -10.85 -5.59
C ASP A 211 16.64 -10.05 -4.31
N LEU A 212 16.83 -8.75 -4.43
CA LEU A 212 16.98 -7.90 -3.25
C LEU A 212 15.65 -7.70 -2.54
N VAL A 213 14.54 -7.63 -3.30
CA VAL A 213 13.24 -7.54 -2.68
C VAL A 213 12.96 -8.80 -1.86
N VAL A 214 13.24 -9.97 -2.44
CA VAL A 214 13.03 -11.23 -1.74
C VAL A 214 13.90 -11.30 -0.50
N GLN A 215 15.19 -10.95 -0.65
CA GLN A 215 16.08 -10.94 0.49
C GLN A 215 15.51 -10.05 1.59
N THR A 216 14.99 -8.87 1.24
CA THR A 216 14.39 -7.98 2.22
C THR A 216 13.17 -8.62 2.87
N LYS A 217 12.34 -9.28 2.07
CA LYS A 217 11.19 -10.00 2.63
C LYS A 217 11.65 -11.03 3.65
N GLU A 218 12.62 -11.86 3.28
CA GLU A 218 13.09 -12.95 4.15
C GLU A 218 13.68 -12.42 5.46
N LEU A 219 14.50 -11.36 5.38
CA LEU A 219 15.12 -10.82 6.59
C LEU A 219 14.14 -10.03 7.44
N GLY A 220 13.06 -9.51 6.86
CA GLY A 220 12.25 -8.59 7.59
C GLY A 220 12.90 -7.25 7.85
N ARG A 221 14.04 -6.96 7.22
CA ARG A 221 14.69 -5.67 7.36
C ARG A 221 15.46 -5.35 6.08
N LEU A 222 16.04 -4.16 6.02
CA LEU A 222 16.93 -3.86 4.93
C LEU A 222 18.15 -4.77 4.98
N PRO A 223 18.67 -5.23 3.84
CA PRO A 223 19.83 -6.13 3.83
C PRO A 223 21.14 -5.46 4.24
N VAL A 224 21.13 -4.16 4.49
CA VAL A 224 22.30 -3.44 4.94
C VAL A 224 21.85 -2.53 6.08
N VAL A 225 22.83 -2.01 6.81
CA VAL A 225 22.57 -1.04 7.86
C VAL A 225 21.78 0.16 7.31
N GLN A 226 20.81 0.62 8.10
CA GLN A 226 19.91 1.70 7.70
C GLN A 226 19.92 2.80 8.76
N PHE A 227 20.45 3.96 8.40
CA PHE A 227 20.49 5.14 9.26
C PHE A 227 19.49 6.18 8.80
N ALA A 228 19.02 6.97 9.75
CA ALA A 228 18.21 8.12 9.39
C ALA A 228 19.11 9.34 9.20
N ALA A 229 18.74 10.21 8.27
CA ALA A 229 19.46 11.44 8.07
C ALA A 229 18.50 12.52 7.59
N GLY A 230 18.81 13.76 7.96
CA GLY A 230 18.09 14.90 7.44
C GLY A 230 17.13 15.52 8.43
N GLY A 231 17.53 16.64 9.02
CA GLY A 231 16.66 17.37 9.89
C GLY A 231 16.70 16.98 11.35
N VAL A 232 17.56 16.02 11.72
CA VAL A 232 17.71 15.63 13.12
C VAL A 232 18.39 16.79 13.85
N ALA A 233 17.63 17.49 14.69
CA ALA A 233 18.13 18.69 15.35
C ALA A 233 18.21 18.57 16.86
N THR A 234 17.40 17.71 17.48
CA THR A 234 17.35 17.55 18.92
C THR A 234 17.54 16.10 19.31
N PRO A 235 17.85 15.83 20.58
CA PRO A 235 17.86 14.44 21.03
C PRO A 235 16.54 13.74 20.84
N ALA A 236 15.43 14.46 21.05
CA ALA A 236 14.13 13.88 20.77
C ALA A 236 14.04 13.41 19.32
N ASP A 237 14.54 14.22 18.36
CA ASP A 237 14.55 13.79 16.96
C ASP A 237 15.34 12.50 16.80
N ALA A 238 16.57 12.48 17.34
CA ALA A 238 17.44 11.33 17.17
C ALA A 238 16.80 10.08 17.74
N ALA A 239 16.31 10.17 18.99
CA ALA A 239 15.66 9.02 19.62
C ALA A 239 14.39 8.64 18.89
N LEU A 240 13.70 9.61 18.27
CA LEU A 240 12.55 9.31 17.43
C LEU A 240 12.96 8.43 16.25
N MET A 241 14.04 8.82 15.56
CA MET A 241 14.55 7.98 14.48
C MET A 241 14.84 6.57 14.98
N MET A 242 15.46 6.45 16.16
CA MET A 242 15.77 5.14 16.69
C MET A 242 14.49 4.37 17.05
N GLN A 243 13.48 5.06 17.61
CA GLN A 243 12.23 4.36 17.95
C GLN A 243 11.38 4.01 16.71
N LEU A 244 11.57 4.71 15.59
CA LEU A 244 10.97 4.28 14.33
C LEU A 244 11.72 3.11 13.68
N GLY A 245 12.81 2.64 14.26
CA GLY A 245 13.47 1.43 13.82
C GLY A 245 14.73 1.61 13.00
N CYS A 246 15.35 2.78 13.02
CA CYS A 246 16.64 2.95 12.34
C CYS A 246 17.76 2.33 13.16
N ASP A 247 18.87 2.07 12.49
CA ASP A 247 20.04 1.51 13.15
C ASP A 247 20.95 2.59 13.72
N GLY A 248 20.71 3.85 13.37
CA GLY A 248 21.55 4.96 13.79
C GLY A 248 21.09 6.20 13.06
N VAL A 249 21.77 7.31 13.33
CA VAL A 249 21.38 8.59 12.74
C VAL A 249 22.62 9.33 12.27
N PHE A 250 22.47 10.02 11.14
CA PHE A 250 23.41 11.05 10.71
C PHE A 250 22.93 12.39 11.25
N VAL A 251 23.87 13.21 11.68
CA VAL A 251 23.58 14.60 11.98
C VAL A 251 24.56 15.42 11.18
N GLY A 252 24.05 16.22 10.26
CA GLY A 252 24.89 17.08 9.46
C GLY A 252 24.98 18.46 10.05
N SER A 253 23.85 19.15 10.09
CA SER A 253 23.79 20.55 10.50
C SER A 253 23.44 20.74 11.97
N GLY A 254 22.66 19.82 12.54
CA GLY A 254 22.03 20.06 13.84
C GLY A 254 23.02 20.27 14.97
N VAL A 255 24.24 19.79 14.82
CA VAL A 255 25.25 19.90 15.88
C VAL A 255 26.00 21.22 15.76
N PHE A 256 26.59 21.48 14.59
CA PHE A 256 27.50 22.61 14.45
C PHE A 256 26.84 23.87 13.93
N LYS A 257 25.53 23.83 13.66
CA LYS A 257 24.78 25.07 13.44
C LYS A 257 24.00 25.47 14.67
N SER A 258 24.17 24.76 15.79
CA SER A 258 23.45 25.03 17.02
C SER A 258 24.29 25.91 17.96
N GLY A 259 23.66 26.32 19.06
CA GLY A 259 24.30 27.24 19.99
C GLY A 259 25.37 26.57 20.83
N ASP A 260 25.15 25.31 21.22
CA ASP A 260 26.13 24.57 22.02
C ASP A 260 26.41 23.24 21.34
N PRO A 261 27.30 23.23 20.33
CA PRO A 261 27.58 21.99 19.61
C PRO A 261 28.15 20.87 20.47
N VAL A 262 28.99 21.18 21.47
CA VAL A 262 29.63 20.11 22.23
C VAL A 262 28.61 19.40 23.12
N LYS A 263 27.78 20.18 23.81
CA LYS A 263 26.78 19.59 24.68
C LYS A 263 25.72 18.87 23.87
N ARG A 264 25.32 19.46 22.73
CA ARG A 264 24.28 18.86 21.90
C ARG A 264 24.76 17.55 21.28
N ALA A 265 26.04 17.48 20.88
CA ALA A 265 26.55 16.27 20.28
C ALA A 265 26.51 15.12 21.27
N LYS A 266 27.01 15.34 22.49
CA LYS A 266 26.92 14.31 23.52
C LYS A 266 25.46 13.94 23.77
N ALA A 267 24.57 14.93 23.81
CA ALA A 267 23.17 14.66 24.08
C ALA A 267 22.54 13.78 23.00
N ILE A 268 22.85 14.05 21.74
CA ILE A 268 22.29 13.24 20.66
C ILE A 268 22.85 11.82 20.71
N VAL A 269 24.17 11.69 20.96
CA VAL A 269 24.77 10.37 21.11
C VAL A 269 24.09 9.61 22.23
N GLN A 270 23.89 10.28 23.39
CA GLN A 270 23.22 9.63 24.50
C GLN A 270 21.78 9.27 24.16
N ALA A 271 21.12 10.14 23.39
CA ALA A 271 19.77 9.87 22.94
C ALA A 271 19.73 8.61 22.08
N VAL A 272 20.72 8.44 21.20
CA VAL A 272 20.72 7.26 20.35
C VAL A 272 21.10 6.02 21.15
N THR A 273 22.05 6.16 22.09
CA THR A 273 22.41 5.01 22.93
C THR A 273 21.25 4.57 23.81
N ASN A 274 20.52 5.52 24.40
CA ASN A 274 19.46 5.17 25.34
C ASN A 274 18.11 5.66 24.86
N TYR A 275 17.70 5.26 23.66
CA TYR A 275 16.60 5.92 22.97
C TYR A 275 15.22 5.59 23.51
N ARG A 276 15.09 4.60 24.41
CA ARG A 276 13.81 4.29 25.03
C ARG A 276 13.69 4.81 26.46
N ASP A 277 14.72 5.47 26.98
CA ASP A 277 14.73 5.95 28.36
C ASP A 277 14.33 7.43 28.35
N ALA A 278 13.04 7.69 28.58
CA ALA A 278 12.55 9.07 28.51
C ALA A 278 13.19 9.95 29.58
N ALA A 279 13.45 9.39 30.76
CA ALA A 279 14.13 10.13 31.81
C ALA A 279 15.49 10.62 31.30
N VAL A 280 16.25 9.74 30.63
CA VAL A 280 17.53 10.14 30.05
C VAL A 280 17.31 11.14 28.92
N LEU A 281 16.33 10.89 28.04
CA LEU A 281 16.04 11.85 26.98
C LEU A 281 15.70 13.21 27.55
N ALA A 282 14.83 13.23 28.57
CA ALA A 282 14.52 14.47 29.26
C ALA A 282 15.79 15.12 29.80
N GLU A 283 16.64 14.31 30.44
CA GLU A 283 17.85 14.84 31.08
C GLU A 283 18.79 15.46 30.05
N VAL A 284 19.12 14.73 28.98
CA VAL A 284 20.12 15.26 28.06
C VAL A 284 19.56 16.42 27.24
N SER A 285 18.24 16.57 27.18
CA SER A 285 17.61 17.70 26.51
C SER A 285 17.53 18.94 27.37
N CYS A 286 17.73 18.81 28.68
CA CYS A 286 17.57 19.94 29.57
C CYS A 286 18.70 20.95 29.36
N GLY A 287 18.33 22.22 29.17
CA GLY A 287 19.29 23.30 29.06
C GLY A 287 20.21 23.19 27.87
N LEU A 288 19.70 22.65 26.75
CA LEU A 288 20.60 22.35 25.64
C LEU A 288 20.93 23.57 24.80
N GLY A 289 20.34 24.72 25.11
CA GLY A 289 20.57 25.93 24.33
C GLY A 289 19.87 25.88 23.00
N GLU A 290 20.21 26.86 22.15
CA GLU A 290 19.50 27.07 20.89
C GLU A 290 19.84 25.98 19.88
N ALA A 291 18.79 25.43 19.26
CA ALA A 291 18.96 24.55 18.11
C ALA A 291 19.24 25.38 16.85
N MET A 292 19.55 24.67 15.76
CA MET A 292 19.84 25.32 14.49
C MET A 292 18.65 26.15 14.00
N VAL A 293 18.96 27.26 13.31
CA VAL A 293 17.96 28.17 12.78
C VAL A 293 17.12 27.47 11.71
N SER B 22 -12.18 3.08 33.09
CA SER B 22 -11.08 2.96 32.13
C SER B 22 -10.05 4.07 32.29
N PRO B 23 -8.78 3.77 31.98
CA PRO B 23 -7.75 4.83 32.01
C PRO B 23 -8.11 6.05 31.16
N PHE B 24 -8.75 5.86 30.00
CA PHE B 24 -9.09 7.00 29.17
C PHE B 24 -10.14 7.87 29.83
N SER B 25 -11.17 7.25 30.43
CA SER B 25 -12.23 8.04 31.04
C SER B 25 -11.72 8.81 32.26
N VAL B 26 -10.71 8.29 32.94
CA VAL B 26 -10.08 9.06 34.01
C VAL B 26 -9.43 10.31 33.44
N LYS B 27 -8.67 10.15 32.34
CA LYS B 27 -8.08 11.32 31.69
C LYS B 27 -9.16 12.30 31.25
N VAL B 28 -10.23 11.79 30.64
CA VAL B 28 -11.34 12.65 30.23
C VAL B 28 -11.91 13.40 31.43
N GLY B 29 -12.01 12.72 32.59
CA GLY B 29 -12.51 13.39 33.78
C GLY B 29 -11.58 14.48 34.29
N LEU B 30 -10.28 14.27 34.17
CA LEU B 30 -9.33 15.32 34.54
C LEU B 30 -9.57 16.61 33.75
N ALA B 31 -9.83 16.49 32.45
CA ALA B 31 -10.00 17.69 31.63
C ALA B 31 -11.34 18.36 31.88
N GLN B 32 -12.35 17.59 32.30
CA GLN B 32 -13.65 18.14 32.69
C GLN B 32 -13.51 19.16 33.82
N MET B 33 -12.52 18.99 34.69
CA MET B 33 -12.28 19.95 35.77
C MET B 33 -11.87 21.32 35.26
N LEU B 34 -11.57 21.44 33.97
CA LEU B 34 -11.17 22.72 33.39
C LEU B 34 -12.36 23.49 32.79
N ARG B 35 -13.55 22.90 32.75
CA ARG B 35 -14.73 23.59 32.23
C ARG B 35 -14.83 24.99 32.82
N GLY B 36 -15.22 25.94 31.99
CA GLY B 36 -15.39 27.31 32.44
C GLY B 36 -14.12 28.09 32.57
N GLY B 37 -12.99 27.52 32.16
CA GLY B 37 -11.69 28.12 32.37
C GLY B 37 -11.08 28.71 31.11
N VAL B 38 -10.04 29.50 31.34
CA VAL B 38 -9.22 30.05 30.28
C VAL B 38 -7.83 29.45 30.44
N ILE B 39 -7.31 28.85 29.37
CA ILE B 39 -5.93 28.38 29.34
C ILE B 39 -5.13 29.39 28.55
N MET B 40 -4.00 29.82 29.11
CA MET B 40 -3.18 30.85 28.49
C MET B 40 -1.82 30.29 28.10
N ASP B 41 -1.37 30.63 26.88
CA ASP B 41 -0.02 30.30 26.46
C ASP B 41 0.97 31.18 27.22
N VAL B 42 2.03 30.56 27.72
CA VAL B 42 3.10 31.27 28.42
C VAL B 42 4.43 30.76 27.89
N VAL B 43 5.42 31.64 27.81
CA VAL B 43 6.74 31.27 27.31
C VAL B 43 7.80 31.30 28.39
N ASN B 44 7.50 31.87 29.56
CA ASN B 44 8.42 31.88 30.69
C ASN B 44 7.60 31.92 31.98
N ALA B 45 8.31 31.84 33.11
CA ALA B 45 7.62 31.79 34.39
C ALA B 45 6.87 33.08 34.68
N GLU B 46 7.38 34.21 34.18
CA GLU B 46 6.70 35.49 34.42
C GLU B 46 5.29 35.47 33.84
N GLN B 47 5.18 35.14 32.55
CA GLN B 47 3.86 35.01 31.93
C GLN B 47 3.00 33.98 32.67
N ALA B 48 3.60 32.89 33.13
CA ALA B 48 2.82 31.86 33.83
C ALA B 48 2.24 32.40 35.13
N ARG B 49 3.00 33.22 35.85
CA ARG B 49 2.47 33.82 37.08
C ARG B 49 1.34 34.79 36.77
N ILE B 50 1.51 35.60 35.74
CA ILE B 50 0.48 36.53 35.30
C ILE B 50 -0.81 35.77 34.98
N ALA B 51 -0.69 34.61 34.31
CA ALA B 51 -1.88 33.87 33.95
C ALA B 51 -2.59 33.31 35.18
N GLU B 52 -1.82 32.74 36.12
CA GLU B 52 -2.43 32.18 37.32
C GLU B 52 -3.11 33.25 38.15
N GLU B 53 -2.46 34.41 38.29
CA GLU B 53 -3.03 35.51 39.06
C GLU B 53 -4.30 36.03 38.37
N ALA B 54 -4.30 36.08 37.04
CA ALA B 54 -5.48 36.50 36.29
C ALA B 54 -6.66 35.55 36.44
N GLY B 55 -6.46 34.37 37.02
CA GLY B 55 -7.54 33.41 37.18
C GLY B 55 -7.56 32.29 36.15
N ALA B 56 -6.54 32.19 35.30
CA ALA B 56 -6.48 31.10 34.32
C ALA B 56 -6.56 29.75 35.01
N CYS B 57 -7.23 28.80 34.36
CA CYS B 57 -7.35 27.46 34.93
C CYS B 57 -6.14 26.58 34.66
N ALA B 58 -5.25 27.00 33.76
CA ALA B 58 -4.04 26.28 33.41
C ALA B 58 -3.22 27.17 32.49
N VAL B 59 -1.95 26.80 32.32
CA VAL B 59 -1.09 27.47 31.38
C VAL B 59 -0.53 26.47 30.40
N MET B 60 -0.09 26.99 29.26
CA MET B 60 0.39 26.21 28.14
C MET B 60 1.81 26.67 27.84
N ALA B 61 2.79 25.85 28.16
CA ALA B 61 4.20 26.21 27.97
C ALA B 61 4.61 25.97 26.52
N LEU B 62 5.17 27.00 25.88
CA LEU B 62 5.65 26.85 24.52
C LEU B 62 6.78 27.83 24.29
N GLU B 63 7.56 27.56 23.24
CA GLU B 63 8.77 28.34 22.96
C GLU B 63 8.43 29.78 22.58
N ARG B 64 7.44 29.96 21.72
CA ARG B 64 7.02 31.27 21.24
C ARG B 64 5.50 31.26 21.08
N VAL B 65 4.86 32.37 21.44
CA VAL B 65 3.40 32.47 21.29
C VAL B 65 3.08 32.34 19.81
N PRO B 66 1.90 31.85 19.45
CA PRO B 66 1.59 31.62 18.02
C PRO B 66 1.80 32.84 17.11
N ALA B 67 1.54 34.06 17.60
CA ALA B 67 1.76 35.23 16.75
C ALA B 67 3.23 35.38 16.37
N ASP B 68 4.15 35.04 17.30
CA ASP B 68 5.57 35.15 16.99
C ASP B 68 6.02 34.05 16.02
N ILE B 69 5.57 32.81 16.25
CA ILE B 69 5.89 31.74 15.32
C ILE B 69 5.44 32.11 13.91
N ARG B 70 4.25 32.71 13.78
CA ARG B 70 3.75 33.10 12.47
C ARG B 70 4.65 34.15 11.82
N ALA B 71 4.87 35.28 12.53
CA ALA B 71 5.62 36.37 11.93
C ALA B 71 7.08 36.00 11.69
N GLN B 72 7.66 35.12 12.50
CA GLN B 72 9.09 34.85 12.45
C GLN B 72 9.46 33.64 11.62
N GLY B 73 8.55 32.68 11.45
CA GLY B 73 8.92 31.47 10.75
C GLY B 73 9.86 30.59 11.58
N GLY B 74 10.55 29.69 10.87
CA GLY B 74 11.49 28.78 11.49
C GLY B 74 10.82 27.58 12.16
N VAL B 75 11.58 26.50 12.30
CA VAL B 75 11.05 25.27 12.89
C VAL B 75 10.69 25.51 14.35
N ALA B 76 9.48 25.13 14.73
CA ALA B 76 9.00 25.28 16.09
C ALA B 76 8.86 23.90 16.73
N ARG B 77 9.49 23.70 17.88
CA ARG B 77 9.54 22.40 18.54
C ARG B 77 9.05 22.52 19.98
N MET B 78 8.97 21.37 20.64
CA MET B 78 8.76 21.31 22.08
C MET B 78 9.69 22.25 22.82
N SER B 79 9.17 22.87 23.88
CA SER B 79 9.99 23.73 24.74
C SER B 79 11.14 22.94 25.35
N ASP B 80 12.24 23.63 25.61
CA ASP B 80 13.34 23.04 26.37
C ASP B 80 12.82 22.61 27.74
N PRO B 81 13.14 21.38 28.20
CA PRO B 81 12.62 20.93 29.50
C PRO B 81 12.95 21.87 30.65
N GLU B 82 14.08 22.57 30.56
CA GLU B 82 14.43 23.56 31.58
C GLU B 82 13.34 24.61 31.72
N MET B 83 12.91 25.19 30.59
CA MET B 83 11.88 26.23 30.63
C MET B 83 10.57 25.68 31.21
N ILE B 84 10.22 24.44 30.88
CA ILE B 84 8.99 23.85 31.42
C ILE B 84 9.10 23.67 32.93
N LYS B 85 10.26 23.22 33.41
CA LYS B 85 10.43 23.06 34.86
C LYS B 85 10.26 24.40 35.57
N GLU B 86 10.85 25.46 35.03
CA GLU B 86 10.67 26.79 35.60
C GLU B 86 9.19 27.20 35.62
N ILE B 87 8.43 26.80 34.60
CA ILE B 87 7.00 27.15 34.58
C ILE B 87 6.24 26.33 35.62
N LYS B 88 6.55 25.03 35.76
CA LYS B 88 5.90 24.21 36.78
C LYS B 88 6.20 24.74 38.19
N ASN B 89 7.44 25.20 38.42
CA ASN B 89 7.79 25.76 39.72
C ASN B 89 7.07 27.06 40.02
N ALA B 90 6.52 27.73 39.00
CA ALA B 90 6.03 29.09 39.19
C ALA B 90 4.54 29.14 39.52
N VAL B 91 3.81 28.05 39.30
CA VAL B 91 2.36 28.05 39.42
C VAL B 91 1.93 26.74 40.06
N THR B 92 0.71 26.74 40.60
CA THR B 92 0.10 25.51 41.11
C THR B 92 -1.07 25.02 40.27
N ILE B 93 -1.55 25.80 39.31
CA ILE B 93 -2.59 25.31 38.40
C ILE B 93 -1.91 24.39 37.39
N PRO B 94 -2.64 23.52 36.69
CA PRO B 94 -1.99 22.55 35.80
C PRO B 94 -1.13 23.20 34.73
N VAL B 95 -0.07 22.52 34.34
CA VAL B 95 0.85 22.99 33.30
C VAL B 95 0.73 22.08 32.08
N MET B 96 0.38 22.68 30.94
CA MET B 96 0.36 21.99 29.66
C MET B 96 1.58 22.42 28.84
N ALA B 97 1.96 21.56 27.91
CA ALA B 97 3.05 21.91 27.00
C ALA B 97 2.79 21.35 25.60
N LYS B 98 3.29 22.03 24.58
CA LYS B 98 3.06 21.64 23.21
C LYS B 98 4.13 20.67 22.74
N ALA B 99 3.70 19.69 21.96
CA ALA B 99 4.58 18.78 21.26
C ALA B 99 4.20 18.79 19.79
N ARG B 100 5.18 18.54 18.93
CA ARG B 100 4.92 18.53 17.51
C ARG B 100 4.03 17.35 17.15
N ILE B 101 3.18 17.57 16.14
CA ILE B 101 2.28 16.51 15.70
C ILE B 101 3.10 15.31 15.25
N GLY B 102 2.76 14.14 15.77
CA GLY B 102 3.46 12.94 15.45
C GLY B 102 4.72 12.68 16.24
N HIS B 103 5.22 13.67 16.99
CA HIS B 103 6.52 13.55 17.67
C HIS B 103 6.29 12.91 19.02
N PHE B 104 6.16 11.59 19.03
CA PHE B 104 5.85 10.90 20.27
C PHE B 104 7.01 10.92 21.24
N VAL B 105 8.24 11.11 20.76
CA VAL B 105 9.35 11.18 21.72
C VAL B 105 9.30 12.51 22.45
N GLU B 106 8.97 13.60 21.76
CA GLU B 106 8.76 14.85 22.48
C GLU B 106 7.71 14.68 23.58
N ALA B 107 6.62 13.98 23.28
CA ALA B 107 5.61 13.75 24.30
C ALA B 107 6.14 12.86 25.42
N GLN B 108 6.95 11.85 25.08
CA GLN B 108 7.55 11.01 26.11
C GLN B 108 8.38 11.85 27.07
N ILE B 109 9.13 12.81 26.51
CA ILE B 109 9.92 13.70 27.33
C ILE B 109 9.03 14.57 28.21
N LEU B 110 8.01 15.19 27.60
CA LEU B 110 7.10 16.04 28.39
C LEU B 110 6.46 15.25 29.52
N GLU B 111 6.09 14.00 29.26
CA GLU B 111 5.54 13.18 30.33
C GLU B 111 6.59 12.90 31.40
N ALA B 112 7.82 12.60 31.00
CA ALA B 112 8.84 12.27 31.98
C ALA B 112 9.16 13.45 32.89
N ILE B 113 9.02 14.68 32.41
CA ILE B 113 9.29 15.83 33.26
C ILE B 113 8.04 16.30 34.01
N GLY B 114 6.95 15.55 33.88
CA GLY B 114 5.81 15.79 34.76
C GLY B 114 4.86 16.90 34.36
N VAL B 115 4.72 17.20 33.06
CA VAL B 115 3.66 18.13 32.67
C VAL B 115 2.32 17.46 32.90
N ASP B 116 1.28 18.26 33.01
CA ASP B 116 -0.04 17.71 33.28
C ASP B 116 -0.79 17.32 32.03
N TYR B 117 -0.61 18.08 30.95
CA TYR B 117 -1.20 17.78 29.65
C TYR B 117 -0.15 18.02 28.59
N VAL B 118 -0.17 17.19 27.54
CA VAL B 118 0.54 17.48 26.31
C VAL B 118 -0.48 17.96 25.31
N ASP B 119 -0.17 19.08 24.64
CA ASP B 119 -0.97 19.57 23.51
C ASP B 119 -0.20 19.20 22.24
N GLU B 120 -0.67 18.17 21.56
CA GLU B 120 -0.15 17.82 20.24
C GLU B 120 -0.67 18.86 19.26
N SER B 121 0.15 19.87 18.97
CA SER B 121 -0.34 21.14 18.46
C SER B 121 0.15 21.43 17.06
N GLU B 122 -0.77 21.84 16.21
CA GLU B 122 -0.44 22.29 14.86
C GLU B 122 0.23 23.65 14.83
N VAL B 123 0.29 24.38 15.95
CA VAL B 123 1.07 25.62 15.87
C VAL B 123 2.56 25.32 15.90
N LEU B 124 2.96 24.16 16.41
CA LEU B 124 4.33 23.70 16.24
C LEU B 124 4.50 23.12 14.84
N THR B 125 5.75 22.89 14.43
CA THR B 125 6.03 22.35 13.11
C THR B 125 5.74 20.86 13.08
N LEU B 126 4.78 20.48 12.27
CA LEU B 126 4.46 19.10 11.93
C LEU B 126 5.69 18.22 11.86
N ALA B 127 5.73 17.15 12.67
CA ALA B 127 6.84 16.19 12.60
C ALA B 127 6.49 14.95 11.80
N ASP B 128 5.21 14.58 11.74
CA ASP B 128 4.76 13.44 10.96
C ASP B 128 3.53 13.90 10.19
N GLU B 129 3.67 14.05 8.87
CA GLU B 129 2.57 14.55 8.06
C GLU B 129 1.43 13.54 7.92
N ASP B 130 1.62 12.29 8.35
CA ASP B 130 0.65 11.23 8.11
C ASP B 130 0.04 10.62 9.35
N ASN B 131 0.65 10.78 10.52
CA ASN B 131 0.14 10.16 11.74
C ASN B 131 0.22 11.15 12.88
N HIS B 132 -0.76 11.10 13.78
CA HIS B 132 -0.63 11.76 15.06
C HIS B 132 -0.04 10.78 16.09
N ILE B 133 0.36 11.35 17.23
CA ILE B 133 0.87 10.54 18.33
C ILE B 133 -0.18 9.54 18.77
N ASN B 134 0.25 8.31 19.02
CA ASN B 134 -0.61 7.34 19.66
C ASN B 134 -0.74 7.69 21.14
N LYS B 135 -1.78 8.44 21.49
CA LYS B 135 -1.85 9.03 22.82
C LYS B 135 -2.32 8.04 23.89
N HIS B 136 -2.75 6.85 23.51
CA HIS B 136 -3.06 5.85 24.52
C HIS B 136 -1.82 5.34 25.24
N ASN B 137 -0.63 5.49 24.65
CA ASN B 137 0.61 5.00 25.27
C ASN B 137 1.13 5.92 26.37
N PHE B 138 0.34 6.90 26.81
CA PHE B 138 0.77 7.90 27.77
C PHE B 138 -0.19 7.89 28.96
N LYS B 139 0.35 8.21 30.13
CA LYS B 139 -0.49 8.20 31.33
C LYS B 139 -1.21 9.52 31.51
N ILE B 140 -0.65 10.62 31.01
CA ILE B 140 -1.22 11.96 31.16
C ILE B 140 -2.17 12.28 29.99
N PRO B 141 -3.12 13.20 30.19
CA PRO B 141 -4.06 13.54 29.12
C PRO B 141 -3.43 14.43 28.04
N PHE B 142 -3.96 14.29 26.82
CA PHE B 142 -3.53 15.08 25.67
C PHE B 142 -4.64 16.03 25.22
N VAL B 143 -4.23 17.20 24.73
CA VAL B 143 -5.10 18.09 23.95
C VAL B 143 -4.72 17.94 22.47
N CYS B 144 -5.74 17.91 21.61
CA CYS B 144 -5.55 18.03 20.18
C CYS B 144 -6.48 19.09 19.61
N GLY B 145 -6.07 19.64 18.46
CA GLY B 145 -6.89 20.58 17.73
C GLY B 145 -7.84 19.88 16.76
N CYS B 146 -8.79 20.65 16.25
CA CYS B 146 -9.67 20.15 15.20
C CYS B 146 -10.31 21.34 14.51
N ARG B 147 -10.68 21.14 13.24
CA ARG B 147 -11.47 22.10 12.49
C ARG B 147 -12.90 21.66 12.28
N ASN B 148 -13.20 20.39 12.51
CA ASN B 148 -14.50 19.83 12.23
C ASN B 148 -14.66 18.60 13.11
N LEU B 149 -15.88 18.07 13.16
CA LEU B 149 -16.19 16.97 14.08
C LEU B 149 -15.37 15.72 13.76
N GLY B 150 -15.16 15.43 12.47
CA GLY B 150 -14.40 14.24 12.12
C GLY B 150 -12.98 14.27 12.65
N GLU B 151 -12.31 15.42 12.51
CA GLU B 151 -10.99 15.59 13.11
C GLU B 151 -11.03 15.32 14.61
N ALA B 152 -11.97 15.96 15.31
CA ALA B 152 -12.06 15.81 16.75
C ALA B 152 -12.18 14.34 17.13
N LEU B 153 -13.11 13.63 16.50
CA LEU B 153 -13.33 12.24 16.83
C LEU B 153 -12.11 11.37 16.48
N ARG B 154 -11.38 11.73 15.42
CA ARG B 154 -10.17 10.97 15.10
C ARG B 154 -9.11 11.21 16.16
N ARG B 155 -8.98 12.46 16.61
CA ARG B 155 -8.05 12.75 17.68
C ARG B 155 -8.45 12.02 18.96
N ILE B 156 -9.75 12.04 19.28
CA ILE B 156 -10.23 11.35 20.48
C ILE B 156 -9.96 9.85 20.37
N ARG B 157 -10.14 9.25 19.19
CA ARG B 157 -9.88 7.82 19.08
C ARG B 157 -8.41 7.50 19.29
N GLU B 158 -7.52 8.42 18.91
CA GLU B 158 -6.11 8.24 19.17
C GLU B 158 -5.77 8.41 20.65
N GLY B 159 -6.72 8.89 21.46
CA GLY B 159 -6.50 9.08 22.88
C GLY B 159 -6.52 10.51 23.38
N ALA B 160 -6.85 11.49 22.54
CA ALA B 160 -6.98 12.85 23.04
C ALA B 160 -8.10 12.91 24.08
N ALA B 161 -7.79 13.51 25.23
CA ALA B 161 -8.73 13.66 26.33
C ALA B 161 -9.42 15.01 26.33
N MET B 162 -9.03 15.91 25.43
CA MET B 162 -9.59 17.24 25.36
C MET B 162 -9.36 17.76 23.94
N ILE B 163 -10.35 18.46 23.41
CA ILE B 163 -10.29 18.96 22.06
C ILE B 163 -10.29 20.47 22.08
N ARG B 164 -9.39 21.04 21.31
CA ARG B 164 -9.27 22.47 21.11
C ARG B 164 -9.73 22.75 19.69
N THR B 165 -10.77 23.57 19.55
CA THR B 165 -11.34 23.82 18.23
C THR B 165 -10.69 25.09 17.71
N ARG B 166 -9.77 24.92 16.77
CA ARG B 166 -8.83 25.97 16.41
C ARG B 166 -9.31 26.78 15.22
N GLY B 167 -8.96 28.05 15.23
CA GLY B 167 -9.12 28.89 14.07
C GLY B 167 -7.76 29.15 13.46
N GLU B 168 -7.38 30.42 13.37
CA GLU B 168 -6.04 30.80 12.96
C GLU B 168 -5.32 31.29 14.20
N ALA B 169 -4.23 30.64 14.55
CA ALA B 169 -3.47 31.05 15.71
C ALA B 169 -2.59 32.23 15.32
N GLY B 170 -2.56 33.23 16.20
CA GLY B 170 -1.65 34.34 16.03
C GLY B 170 -2.07 35.44 15.08
N THR B 171 -3.36 35.51 14.73
CA THR B 171 -3.86 36.59 13.88
C THR B 171 -4.81 37.54 14.59
N GLY B 172 -5.27 37.22 15.78
CA GLY B 172 -6.24 38.07 16.46
C GLY B 172 -7.59 38.14 15.76
N ASN B 173 -7.82 37.24 14.81
CA ASN B 173 -9.07 37.19 14.07
C ASN B 173 -9.81 35.93 14.47
N VAL B 174 -11.00 36.08 15.08
CA VAL B 174 -11.77 34.93 15.52
C VAL B 174 -12.52 34.24 14.40
N VAL B 175 -12.44 34.75 13.16
CA VAL B 175 -13.38 34.32 12.12
C VAL B 175 -13.28 32.82 11.89
N GLU B 176 -12.07 32.28 11.83
CA GLU B 176 -11.91 30.85 11.58
C GLU B 176 -12.31 30.01 12.77
N ALA B 177 -12.08 30.50 14.00
CA ALA B 177 -12.51 29.74 15.16
C ALA B 177 -14.03 29.73 15.28
N VAL B 178 -14.68 30.84 14.93
CA VAL B 178 -16.14 30.84 14.85
C VAL B 178 -16.61 29.80 13.84
N ARG B 179 -15.98 29.79 12.66
CA ARG B 179 -16.27 28.79 11.64
C ARG B 179 -16.15 27.38 12.20
N HIS B 180 -15.03 27.09 12.86
CA HIS B 180 -14.80 25.73 13.30
C HIS B 180 -15.65 25.36 14.51
N VAL B 181 -15.90 26.31 15.42
CA VAL B 181 -16.83 26.04 16.51
C VAL B 181 -18.22 25.79 15.97
N ARG B 182 -18.68 26.65 15.03
CA ARG B 182 -19.98 26.43 14.43
C ARG B 182 -20.01 25.12 13.64
N SER B 183 -18.91 24.74 13.00
CA SER B 183 -18.89 23.47 12.27
C SER B 183 -19.04 22.28 13.20
N VAL B 184 -18.22 22.21 14.26
CA VAL B 184 -18.31 21.10 15.19
C VAL B 184 -19.70 21.05 15.82
N ASN B 185 -20.17 22.19 16.32
CA ASN B 185 -21.45 22.19 17.02
C ASN B 185 -22.61 21.95 16.07
N GLY B 186 -22.54 22.51 14.86
CA GLY B 186 -23.58 22.24 13.89
C GLY B 186 -23.59 20.77 13.50
N ALA B 187 -22.40 20.18 13.37
CA ALA B 187 -22.33 18.74 13.10
C ALA B 187 -22.96 17.95 14.23
N ILE B 188 -22.69 18.34 15.48
CA ILE B 188 -23.26 17.61 16.61
C ILE B 188 -24.77 17.75 16.63
N ARG B 189 -25.28 18.96 16.35
CA ARG B 189 -26.73 19.15 16.30
C ARG B 189 -27.33 18.40 15.12
N LEU B 190 -26.66 18.40 13.96
CA LEU B 190 -27.05 17.52 12.86
C LEU B 190 -27.13 16.07 13.33
N LEU B 191 -26.14 15.66 14.11
CA LEU B 191 -26.06 14.26 14.53
C LEU B 191 -27.15 13.92 15.55
N ARG B 192 -27.49 14.87 16.44
CA ARG B 192 -28.49 14.60 17.46
C ARG B 192 -29.85 14.24 16.86
N SER B 193 -30.25 14.91 15.78
CA SER B 193 -31.56 14.66 15.18
C SER B 193 -31.49 13.75 13.96
N MET B 194 -30.32 13.22 13.63
CA MET B 194 -30.16 12.36 12.48
C MET B 194 -30.83 11.00 12.70
N ASP B 195 -31.52 10.52 11.67
CA ASP B 195 -31.98 9.13 11.61
C ASP B 195 -30.81 8.18 11.89
N ASP B 196 -31.03 7.26 12.85
CA ASP B 196 -30.00 6.29 13.27
C ASP B 196 -29.41 5.53 12.09
N ASP B 197 -30.24 5.23 11.09
CA ASP B 197 -29.78 4.44 9.96
C ASP B 197 -28.83 5.23 9.06
N GLU B 198 -28.85 6.55 9.13
CA GLU B 198 -27.98 7.38 8.32
C GLU B 198 -26.64 7.63 8.99
N VAL B 199 -26.48 7.22 10.24
CA VAL B 199 -25.26 7.50 10.99
C VAL B 199 -24.06 6.74 10.45
N PHE B 200 -24.25 5.52 9.94
CA PHE B 200 -23.13 4.77 9.37
C PHE B 200 -22.48 5.54 8.22
N THR B 201 -23.31 6.01 7.29
CA THR B 201 -22.81 6.77 6.16
C THR B 201 -22.20 8.09 6.62
N TYR B 202 -22.79 8.71 7.64
CA TYR B 202 -22.21 9.93 8.18
C TYR B 202 -20.81 9.67 8.72
N ALA B 203 -20.62 8.56 9.46
CA ALA B 203 -19.31 8.27 10.02
C ALA B 203 -18.29 8.05 8.91
N LYS B 204 -18.71 7.42 7.82
CA LYS B 204 -17.86 7.29 6.64
C LYS B 204 -17.54 8.66 6.06
N LYS B 205 -18.56 9.50 5.89
CA LYS B 205 -18.37 10.78 5.21
C LYS B 205 -17.38 11.68 5.95
N ILE B 206 -17.49 11.75 7.28
CA ILE B 206 -16.53 12.56 8.03
C ILE B 206 -15.31 11.76 8.45
N ALA B 207 -15.20 10.49 8.01
CA ALA B 207 -14.05 9.62 8.28
C ALA B 207 -13.74 9.59 9.77
N ALA B 208 -14.74 9.20 10.55
CA ALA B 208 -14.63 9.15 12.00
C ALA B 208 -15.07 7.80 12.51
N PRO B 209 -14.46 7.30 13.57
CA PRO B 209 -14.90 6.02 14.17
C PRO B 209 -16.37 6.05 14.55
N TYR B 210 -17.09 5.02 14.11
CA TYR B 210 -18.53 5.01 14.26
C TYR B 210 -18.96 5.05 15.73
N ASP B 211 -18.26 4.32 16.59
CA ASP B 211 -18.66 4.27 18.01
C ASP B 211 -18.58 5.66 18.65
N LEU B 212 -17.57 6.44 18.27
CA LEU B 212 -17.44 7.80 18.80
C LEU B 212 -18.49 8.73 18.19
N VAL B 213 -18.90 8.48 16.95
CA VAL B 213 -20.00 9.24 16.36
C VAL B 213 -21.28 8.95 17.13
N VAL B 214 -21.57 7.67 17.38
CA VAL B 214 -22.77 7.29 18.12
C VAL B 214 -22.74 7.86 19.52
N GLN B 215 -21.59 7.81 20.18
CA GLN B 215 -21.46 8.40 21.51
C GLN B 215 -21.73 9.90 21.47
N THR B 216 -21.25 10.59 20.42
CA THR B 216 -21.51 12.02 20.28
C THR B 216 -22.98 12.30 20.08
N LYS B 217 -23.64 11.47 19.25
CA LYS B 217 -25.08 11.58 19.06
C LYS B 217 -25.82 11.40 20.39
N GLU B 218 -25.45 10.36 21.15
CA GLU B 218 -26.15 10.06 22.40
C GLU B 218 -25.95 11.16 23.43
N LEU B 219 -24.73 11.71 23.52
CA LEU B 219 -24.48 12.79 24.48
C LEU B 219 -25.10 14.10 24.03
N GLY B 220 -25.24 14.32 22.71
CA GLY B 220 -25.61 15.65 22.24
C GLY B 220 -24.50 16.66 22.37
N ARG B 221 -23.29 16.22 22.67
CA ARG B 221 -22.12 17.09 22.76
C ARG B 221 -20.87 16.24 22.50
N LEU B 222 -19.74 16.91 22.45
CA LEU B 222 -18.50 16.19 22.22
C LEU B 222 -18.20 15.27 23.41
N PRO B 223 -17.71 14.06 23.17
CA PRO B 223 -17.42 13.13 24.29
C PRO B 223 -16.30 13.58 25.20
N VAL B 224 -15.62 14.69 24.90
CA VAL B 224 -14.57 15.22 25.74
C VAL B 224 -14.77 16.72 25.80
N VAL B 225 -14.03 17.36 26.72
CA VAL B 225 -14.06 18.81 26.82
C VAL B 225 -13.68 19.44 25.49
N GLN B 226 -14.38 20.51 25.12
CA GLN B 226 -14.13 21.26 23.89
C GLN B 226 -13.88 22.73 24.24
N PHE B 227 -12.65 23.18 24.01
CA PHE B 227 -12.26 24.58 24.13
C PHE B 227 -12.12 25.22 22.76
N ALA B 228 -12.36 26.52 22.70
CA ALA B 228 -12.02 27.29 21.52
C ALA B 228 -10.58 27.77 21.62
N ALA B 229 -9.96 27.93 20.46
CA ALA B 229 -8.61 28.48 20.38
C ALA B 229 -8.44 29.12 19.02
N GLY B 230 -7.65 30.18 18.98
CA GLY B 230 -7.32 30.83 17.72
C GLY B 230 -7.99 32.17 17.53
N GLY B 231 -7.22 33.22 17.67
CA GLY B 231 -7.71 34.56 17.38
C GLY B 231 -8.50 35.22 18.48
N VAL B 232 -8.65 34.58 19.64
CA VAL B 232 -9.39 35.20 20.75
C VAL B 232 -8.53 36.36 21.27
N ALA B 233 -8.97 37.59 20.97
CA ALA B 233 -8.18 38.78 21.28
C ALA B 233 -8.82 39.68 22.33
N THR B 234 -10.14 39.69 22.42
CA THR B 234 -10.90 40.56 23.30
C THR B 234 -11.81 39.74 24.21
N PRO B 235 -12.24 40.31 25.34
CA PRO B 235 -13.24 39.62 26.16
C PRO B 235 -14.49 39.28 25.40
N ALA B 236 -14.93 40.18 24.52
CA ALA B 236 -16.05 39.90 23.64
C ALA B 236 -15.80 38.61 22.84
N ASP B 237 -14.60 38.48 22.26
CA ASP B 237 -14.25 37.25 21.54
C ASP B 237 -14.43 36.03 22.43
N ALA B 238 -13.89 36.09 23.64
CA ALA B 238 -13.90 34.93 24.54
C ALA B 238 -15.32 34.55 24.92
N ALA B 239 -16.13 35.55 25.31
CA ALA B 239 -17.51 35.28 25.64
C ALA B 239 -18.30 34.83 24.42
N LEU B 240 -17.93 35.33 23.24
CA LEU B 240 -18.52 34.84 22.01
C LEU B 240 -18.35 33.34 21.89
N MET B 241 -17.11 32.87 22.07
CA MET B 241 -16.83 31.43 22.02
C MET B 241 -17.66 30.67 23.05
N MET B 242 -17.77 31.20 24.27
CA MET B 242 -18.55 30.52 25.28
C MET B 242 -20.04 30.51 24.91
N GLN B 243 -20.56 31.62 24.37
CA GLN B 243 -21.97 31.66 23.97
C GLN B 243 -22.23 30.74 22.78
N LEU B 244 -21.22 30.51 21.95
CA LEU B 244 -21.32 29.53 20.88
C LEU B 244 -21.31 28.09 21.37
N GLY B 245 -21.06 27.85 22.65
CA GLY B 245 -21.16 26.53 23.22
C GLY B 245 -19.85 25.84 23.63
N CYS B 246 -18.76 26.57 23.76
CA CYS B 246 -17.49 25.97 24.17
C CYS B 246 -17.41 25.86 25.70
N ASP B 247 -16.56 24.94 26.16
CA ASP B 247 -16.35 24.74 27.58
C ASP B 247 -15.32 25.69 28.16
N GLY B 248 -14.57 26.39 27.31
CA GLY B 248 -13.50 27.25 27.75
C GLY B 248 -12.78 27.76 26.52
N VAL B 249 -11.76 28.58 26.75
CA VAL B 249 -11.01 29.16 25.64
C VAL B 249 -9.53 29.05 25.92
N PHE B 250 -8.76 28.84 24.85
CA PHE B 250 -7.33 29.09 24.87
C PHE B 250 -7.07 30.50 24.39
N VAL B 251 -6.08 31.14 24.97
CA VAL B 251 -5.58 32.40 24.47
C VAL B 251 -4.07 32.26 24.36
N GLY B 252 -3.56 32.35 23.15
CA GLY B 252 -2.14 32.23 22.93
C GLY B 252 -1.47 33.58 22.82
N SER B 253 -1.96 34.40 21.90
CA SER B 253 -1.35 35.68 21.58
C SER B 253 -2.10 36.88 22.13
N GLY B 254 -3.43 36.79 22.27
CA GLY B 254 -4.21 37.97 22.62
C GLY B 254 -3.81 38.62 23.93
N VAL B 255 -3.28 37.83 24.87
CA VAL B 255 -2.87 38.41 26.16
C VAL B 255 -1.50 39.07 26.04
N PHE B 256 -0.47 38.29 25.70
CA PHE B 256 0.90 38.76 25.82
C PHE B 256 1.42 39.49 24.58
N LYS B 257 0.63 39.59 23.51
CA LYS B 257 0.94 40.51 22.43
C LYS B 257 0.12 41.80 22.50
N SER B 258 -0.70 41.96 23.55
CA SER B 258 -1.52 43.16 23.73
C SER B 258 -0.78 44.20 24.58
N GLY B 259 -1.39 45.40 24.65
CA GLY B 259 -0.75 46.48 25.36
C GLY B 259 -0.74 46.30 26.87
N ASP B 260 -1.79 45.69 27.43
CA ASP B 260 -1.91 45.50 28.87
C ASP B 260 -2.26 44.05 29.17
N PRO B 261 -1.28 43.16 29.13
CA PRO B 261 -1.58 41.73 29.37
C PRO B 261 -2.23 41.44 30.72
N VAL B 262 -1.78 42.11 31.79
CA VAL B 262 -2.30 41.78 33.13
C VAL B 262 -3.79 42.05 33.22
N LYS B 263 -4.20 43.25 32.80
CA LYS B 263 -5.62 43.58 32.83
C LYS B 263 -6.42 42.75 31.83
N ARG B 264 -5.86 42.57 30.63
CA ARG B 264 -6.58 41.85 29.59
C ARG B 264 -6.78 40.39 29.98
N ALA B 265 -5.81 39.80 30.66
CA ALA B 265 -5.95 38.40 31.05
C ALA B 265 -7.07 38.21 32.05
N LYS B 266 -7.17 39.10 33.03
CA LYS B 266 -8.27 39.02 33.98
C LYS B 266 -9.61 39.30 33.30
N ALA B 267 -9.64 40.28 32.39
CA ALA B 267 -10.89 40.58 31.68
C ALA B 267 -11.38 39.38 30.88
N ILE B 268 -10.47 38.70 30.19
CA ILE B 268 -10.84 37.49 29.45
C ILE B 268 -11.35 36.41 30.39
N VAL B 269 -10.63 36.18 31.51
CA VAL B 269 -11.09 35.22 32.50
C VAL B 269 -12.48 35.60 33.00
N GLN B 270 -12.67 36.87 33.37
CA GLN B 270 -13.97 37.31 33.86
C GLN B 270 -15.04 37.17 32.78
N ALA B 271 -14.69 37.49 31.53
CA ALA B 271 -15.61 37.32 30.43
C ALA B 271 -16.04 35.86 30.29
N VAL B 272 -15.11 34.93 30.39
CA VAL B 272 -15.46 33.52 30.23
C VAL B 272 -16.29 33.04 31.42
N THR B 273 -15.98 33.52 32.62
CA THR B 273 -16.80 33.15 33.77
C THR B 273 -18.20 33.77 33.70
N ASN B 274 -18.33 34.95 33.12
CA ASN B 274 -19.62 35.64 33.12
C ASN B 274 -20.10 35.89 31.70
N TYR B 275 -20.07 34.85 30.87
CA TYR B 275 -20.10 35.09 29.43
C TYR B 275 -21.47 35.51 28.91
N ARG B 276 -22.54 35.36 29.69
CA ARG B 276 -23.86 35.83 29.30
C ARG B 276 -24.27 37.14 29.97
N ASP B 277 -23.37 37.80 30.69
CA ASP B 277 -23.71 39.00 31.44
C ASP B 277 -23.14 40.20 30.69
N ALA B 278 -23.98 40.87 29.92
CA ALA B 278 -23.51 41.94 29.04
C ALA B 278 -22.92 43.09 29.84
N ALA B 279 -23.53 43.41 30.98
CA ALA B 279 -23.00 44.51 31.79
C ALA B 279 -21.59 44.19 32.30
N VAL B 280 -21.36 42.94 32.72
CA VAL B 280 -20.00 42.53 33.09
C VAL B 280 -19.08 42.57 31.87
N LEU B 281 -19.52 42.01 30.74
CA LEU B 281 -18.71 42.06 29.53
C LEU B 281 -18.36 43.50 29.15
N ALA B 282 -19.36 44.38 29.21
CA ALA B 282 -19.12 45.80 28.95
C ALA B 282 -18.12 46.38 29.95
N GLU B 283 -18.25 46.01 31.23
CA GLU B 283 -17.41 46.58 32.27
C GLU B 283 -15.95 46.14 32.12
N VAL B 284 -15.72 44.83 31.94
CA VAL B 284 -14.34 44.34 31.85
C VAL B 284 -13.70 44.70 30.51
N SER B 285 -14.49 45.08 29.50
CA SER B 285 -13.92 45.54 28.24
C SER B 285 -13.55 47.02 28.28
N CYS B 286 -13.99 47.75 29.30
CA CYS B 286 -13.78 49.20 29.31
C CYS B 286 -12.31 49.51 29.56
N GLY B 287 -11.75 50.35 28.70
CA GLY B 287 -10.41 50.89 28.90
C GLY B 287 -9.33 49.84 28.86
N LEU B 288 -9.48 48.83 28.02
CA LEU B 288 -8.62 47.65 28.06
C LEU B 288 -7.31 47.82 27.31
N GLY B 289 -7.08 48.98 26.70
CA GLY B 289 -5.85 49.20 25.99
C GLY B 289 -5.88 48.61 24.60
N GLU B 290 -4.72 48.62 23.96
CA GLU B 290 -4.60 48.11 22.60
C GLU B 290 -4.62 46.59 22.59
N ALA B 291 -5.47 46.01 21.75
CA ALA B 291 -5.43 44.59 21.49
C ALA B 291 -4.20 44.27 20.64
N MET B 292 -3.91 42.97 20.49
CA MET B 292 -2.76 42.54 19.70
C MET B 292 -2.87 43.02 18.26
N VAL B 293 -1.72 43.17 17.61
CA VAL B 293 -1.65 43.67 16.23
C VAL B 293 -2.21 42.66 15.23
N SER C 22 -23.63 -12.72 22.91
CA SER C 22 -23.73 -11.55 22.03
C SER C 22 -24.49 -11.86 20.73
N PRO C 23 -25.58 -11.12 20.46
CA PRO C 23 -26.42 -11.45 19.29
C PRO C 23 -25.68 -11.38 17.97
N PHE C 24 -24.74 -10.45 17.80
CA PHE C 24 -23.98 -10.40 16.55
C PHE C 24 -23.03 -11.58 16.44
N SER C 25 -22.30 -11.91 17.51
CA SER C 25 -21.40 -13.06 17.44
C SER C 25 -22.16 -14.35 17.16
N VAL C 26 -23.42 -14.44 17.63
CA VAL C 26 -24.25 -15.59 17.30
C VAL C 26 -24.50 -15.65 15.79
N LYS C 27 -24.85 -14.51 15.20
CA LYS C 27 -25.07 -14.47 13.75
C LYS C 27 -23.80 -14.81 13.00
N VAL C 28 -22.65 -14.27 13.46
CA VAL C 28 -21.37 -14.62 12.86
C VAL C 28 -21.13 -16.12 12.95
N GLY C 29 -21.42 -16.73 14.11
CA GLY C 29 -21.24 -18.17 14.25
C GLY C 29 -22.11 -18.96 13.28
N LEU C 30 -23.32 -18.49 13.02
CA LEU C 30 -24.17 -19.17 12.04
C LEU C 30 -23.49 -19.24 10.68
N ALA C 31 -22.88 -18.13 10.25
CA ALA C 31 -22.25 -18.08 8.95
C ALA C 31 -20.96 -18.91 8.89
N GLN C 32 -20.26 -19.06 10.02
CA GLN C 32 -19.08 -19.92 10.08
C GLN C 32 -19.39 -21.34 9.61
N MET C 33 -20.59 -21.82 9.88
CA MET C 33 -20.96 -23.18 9.49
C MET C 33 -20.98 -23.36 7.99
N LEU C 34 -20.92 -22.27 7.23
CA LEU C 34 -20.91 -22.39 5.80
C LEU C 34 -19.50 -22.48 5.24
N ARG C 35 -18.47 -22.39 6.09
CA ARG C 35 -17.10 -22.46 5.63
C ARG C 35 -16.86 -23.73 4.83
N GLY C 36 -16.10 -23.61 3.75
CA GLY C 36 -15.84 -24.73 2.88
C GLY C 36 -16.97 -25.05 1.92
N GLY C 37 -18.00 -24.20 1.85
CA GLY C 37 -19.16 -24.47 1.04
C GLY C 37 -19.31 -23.59 -0.20
N VAL C 38 -20.24 -24.02 -1.03
CA VAL C 38 -20.66 -23.28 -2.21
C VAL C 38 -22.13 -22.90 -2.03
N ILE C 39 -22.43 -21.61 -2.17
CA ILE C 39 -23.81 -21.11 -2.19
C ILE C 39 -24.18 -20.85 -3.64
N MET C 40 -25.33 -21.37 -4.06
CA MET C 40 -25.76 -21.31 -5.45
C MET C 40 -27.02 -20.49 -5.58
N ASP C 41 -27.03 -19.57 -6.54
CA ASP C 41 -28.23 -18.80 -6.83
C ASP C 41 -29.26 -19.73 -7.45
N VAL C 42 -30.52 -19.61 -6.99
CA VAL C 42 -31.63 -20.36 -7.55
C VAL C 42 -32.80 -19.41 -7.75
N VAL C 43 -33.53 -19.56 -8.85
CA VAL C 43 -34.70 -18.72 -9.09
C VAL C 43 -35.99 -19.51 -9.06
N ASN C 44 -35.92 -20.82 -8.83
CA ASN C 44 -37.12 -21.63 -8.63
C ASN C 44 -36.71 -22.85 -7.81
N ALA C 45 -37.70 -23.69 -7.48
CA ALA C 45 -37.45 -24.82 -6.58
C ALA C 45 -36.70 -25.95 -7.26
N GLU C 46 -36.80 -26.06 -8.58
CA GLU C 46 -36.03 -27.08 -9.30
C GLU C 46 -34.53 -26.81 -9.18
N GLN C 47 -34.13 -25.56 -9.44
CA GLN C 47 -32.73 -25.19 -9.24
C GLN C 47 -32.30 -25.40 -7.80
N ALA C 48 -33.20 -25.18 -6.84
CA ALA C 48 -32.84 -25.33 -5.44
C ALA C 48 -32.52 -26.78 -5.10
N ARG C 49 -33.32 -27.73 -5.61
CA ARG C 49 -33.04 -29.14 -5.41
C ARG C 49 -31.70 -29.52 -6.04
N ILE C 50 -31.48 -29.09 -7.29
CA ILE C 50 -30.23 -29.39 -7.99
C ILE C 50 -29.05 -28.98 -7.12
N ALA C 51 -29.11 -27.76 -6.57
CA ALA C 51 -28.01 -27.24 -5.77
C ALA C 51 -27.81 -28.08 -4.51
N GLU C 52 -28.89 -28.45 -3.84
CA GLU C 52 -28.75 -29.24 -2.62
C GLU C 52 -28.17 -30.60 -2.92
N GLU C 53 -28.64 -31.23 -3.99
CA GLU C 53 -28.14 -32.55 -4.34
C GLU C 53 -26.69 -32.47 -4.78
N ALA C 54 -26.31 -31.38 -5.44
CA ALA C 54 -24.93 -31.17 -5.85
C ALA C 54 -24.00 -30.94 -4.68
N GLY C 55 -24.52 -30.68 -3.48
CA GLY C 55 -23.70 -30.48 -2.29
C GLY C 55 -23.51 -29.04 -1.85
N ALA C 56 -24.29 -28.10 -2.38
CA ALA C 56 -24.24 -26.71 -1.93
C ALA C 56 -24.50 -26.62 -0.43
N CYS C 57 -23.83 -25.67 0.23
CA CYS C 57 -24.11 -25.48 1.65
C CYS C 57 -25.34 -24.62 1.90
N ALA C 58 -25.83 -23.93 0.88
CA ALA C 58 -27.02 -23.07 0.98
C ALA C 58 -27.42 -22.66 -0.42
N VAL C 59 -28.63 -22.13 -0.54
CA VAL C 59 -29.09 -21.58 -1.81
C VAL C 59 -29.51 -20.13 -1.60
N MET C 60 -29.53 -19.39 -2.70
CA MET C 60 -29.82 -17.97 -2.72
C MET C 60 -31.00 -17.74 -3.65
N ALA C 61 -32.14 -17.34 -3.08
CA ALA C 61 -33.35 -17.12 -3.84
C ALA C 61 -33.33 -15.73 -4.47
N LEU C 62 -33.39 -15.67 -5.80
CA LEU C 62 -33.44 -14.39 -6.47
C LEU C 62 -34.36 -14.52 -7.68
N GLU C 63 -34.73 -13.36 -8.25
CA GLU C 63 -35.73 -13.34 -9.32
C GLU C 63 -35.16 -13.82 -10.64
N ARG C 64 -33.91 -13.43 -10.94
CA ARG C 64 -33.19 -13.85 -12.13
C ARG C 64 -31.72 -13.98 -11.74
N VAL C 65 -31.03 -14.96 -12.32
CA VAL C 65 -29.60 -15.12 -12.03
C VAL C 65 -28.89 -13.87 -12.57
N PRO C 66 -27.72 -13.51 -12.03
CA PRO C 66 -27.11 -12.22 -12.41
C PRO C 66 -26.85 -12.05 -13.90
N ALA C 67 -26.52 -13.12 -14.64
CA ALA C 67 -26.27 -12.96 -16.08
C ALA C 67 -27.52 -12.51 -16.82
N ASP C 68 -28.72 -12.91 -16.37
CA ASP C 68 -29.96 -12.48 -17.01
C ASP C 68 -30.33 -11.06 -16.60
N ILE C 69 -30.07 -10.69 -15.35
CA ILE C 69 -30.31 -9.31 -14.92
C ILE C 69 -29.46 -8.36 -15.75
N ARG C 70 -28.23 -8.77 -16.06
CA ARG C 70 -27.34 -7.96 -16.89
C ARG C 70 -27.85 -7.84 -18.33
N ALA C 71 -28.13 -8.97 -18.97
CA ALA C 71 -28.52 -8.95 -20.37
C ALA C 71 -29.87 -8.24 -20.56
N GLN C 72 -30.82 -8.46 -19.64
CA GLN C 72 -32.17 -7.98 -19.80
C GLN C 72 -32.39 -6.57 -19.24
N GLY C 73 -31.62 -6.16 -18.23
CA GLY C 73 -31.92 -4.88 -17.62
C GLY C 73 -33.25 -4.93 -16.87
N GLY C 74 -33.83 -3.74 -16.65
CA GLY C 74 -35.05 -3.61 -15.89
C GLY C 74 -34.79 -3.65 -14.39
N VAL C 75 -35.72 -3.07 -13.64
CA VAL C 75 -35.55 -3.00 -12.19
C VAL C 75 -35.61 -4.39 -11.59
N ALA C 76 -34.63 -4.71 -10.74
CA ALA C 76 -34.53 -6.02 -10.09
C ALA C 76 -34.76 -5.84 -8.59
N ARG C 77 -35.76 -6.55 -8.06
CA ARG C 77 -36.20 -6.41 -6.68
C ARG C 77 -36.12 -7.75 -5.96
N MET C 78 -36.42 -7.71 -4.66
CA MET C 78 -36.65 -8.92 -3.88
C MET C 78 -37.61 -9.86 -4.62
N SER C 79 -37.32 -11.15 -4.54
CA SER C 79 -38.20 -12.17 -5.10
C SER C 79 -39.57 -12.12 -4.42
N ASP C 80 -40.58 -12.53 -5.18
CA ASP C 80 -41.92 -12.67 -4.61
C ASP C 80 -41.87 -13.67 -3.44
N PRO C 81 -42.47 -13.34 -2.30
CA PRO C 81 -42.43 -14.27 -1.16
C PRO C 81 -42.99 -15.66 -1.49
N GLU C 82 -43.87 -15.76 -2.49
CA GLU C 82 -44.37 -17.07 -2.89
C GLU C 82 -43.24 -17.96 -3.41
N MET C 83 -42.35 -17.39 -4.22
CA MET C 83 -41.20 -18.11 -4.76
C MET C 83 -40.22 -18.51 -3.66
N ILE C 84 -39.98 -17.62 -2.70
CA ILE C 84 -39.09 -17.95 -1.59
C ILE C 84 -39.68 -19.09 -0.77
N LYS C 85 -40.99 -19.04 -0.50
CA LYS C 85 -41.64 -20.14 0.22
C LYS C 85 -41.41 -21.47 -0.50
N GLU C 86 -41.64 -21.50 -1.82
CA GLU C 86 -41.41 -22.73 -2.58
C GLU C 86 -39.97 -23.22 -2.43
N ILE C 87 -39.00 -22.30 -2.49
CA ILE C 87 -37.61 -22.73 -2.39
C ILE C 87 -37.30 -23.25 -1.00
N LYS C 88 -37.83 -22.59 0.05
CA LYS C 88 -37.65 -23.07 1.42
C LYS C 88 -38.21 -24.47 1.60
N ASN C 89 -39.36 -24.76 0.98
CA ASN C 89 -39.97 -26.07 1.10
C ASN C 89 -39.19 -27.16 0.38
N ALA C 90 -38.45 -26.80 -0.68
CA ALA C 90 -37.79 -27.76 -1.54
C ALA C 90 -36.44 -28.25 -1.03
N VAL C 91 -35.90 -27.65 0.03
CA VAL C 91 -34.56 -27.98 0.50
C VAL C 91 -34.53 -27.90 2.02
N THR C 92 -33.52 -28.53 2.61
CA THR C 92 -33.29 -28.45 4.04
C THR C 92 -32.08 -27.61 4.39
N ILE C 93 -31.23 -27.29 3.41
CA ILE C 93 -30.06 -26.45 3.63
C ILE C 93 -30.52 -25.01 3.78
N PRO C 94 -29.72 -24.12 4.34
CA PRO C 94 -30.18 -22.74 4.55
C PRO C 94 -30.57 -22.05 3.25
N VAL C 95 -31.56 -21.16 3.35
CA VAL C 95 -32.07 -20.43 2.21
C VAL C 95 -31.79 -18.95 2.43
N MET C 96 -31.04 -18.36 1.52
CA MET C 96 -30.79 -16.93 1.50
C MET C 96 -31.68 -16.28 0.47
N ALA C 97 -31.91 -14.98 0.64
CA ALA C 97 -32.67 -14.21 -0.33
C ALA C 97 -32.05 -12.83 -0.48
N LYS C 98 -32.06 -12.29 -1.69
CA LYS C 98 -31.52 -10.97 -1.93
C LYS C 98 -32.56 -9.90 -1.68
N ALA C 99 -32.10 -8.81 -1.08
CA ALA C 99 -32.86 -7.57 -0.99
C ALA C 99 -32.05 -6.45 -1.62
N ARG C 100 -32.75 -5.45 -2.15
CA ARG C 100 -32.07 -4.29 -2.71
C ARG C 100 -31.33 -3.55 -1.61
N ILE C 101 -30.17 -2.99 -1.98
CA ILE C 101 -29.41 -2.21 -1.03
C ILE C 101 -30.27 -1.07 -0.49
N GLY C 102 -30.31 -0.95 0.83
CA GLY C 102 -31.08 0.08 1.50
C GLY C 102 -32.56 -0.19 1.63
N HIS C 103 -33.08 -1.27 1.03
CA HIS C 103 -34.52 -1.52 1.08
C HIS C 103 -34.83 -2.34 2.33
N PHE C 104 -34.86 -1.66 3.47
CA PHE C 104 -35.04 -2.38 4.72
C PHE C 104 -36.41 -3.02 4.85
N VAL C 105 -37.43 -2.51 4.15
CA VAL C 105 -38.73 -3.16 4.22
C VAL C 105 -38.68 -4.51 3.50
N GLU C 106 -38.04 -4.56 2.32
CA GLU C 106 -37.81 -5.84 1.67
C GLU C 106 -37.14 -6.84 2.62
N ALA C 107 -36.17 -6.38 3.40
CA ALA C 107 -35.52 -7.29 4.35
C ALA C 107 -36.47 -7.67 5.48
N GLN C 108 -37.29 -6.73 5.95
CA GLN C 108 -38.28 -7.07 6.97
C GLN C 108 -39.19 -8.18 6.49
N ILE C 109 -39.61 -8.10 5.23
CA ILE C 109 -40.48 -9.11 4.64
C ILE C 109 -39.77 -10.46 4.58
N LEU C 110 -38.52 -10.47 4.11
CA LEU C 110 -37.76 -11.72 4.02
C LEU C 110 -37.59 -12.36 5.38
N GLU C 111 -37.27 -11.57 6.41
CA GLU C 111 -37.20 -12.11 7.76
C GLU C 111 -38.54 -12.68 8.19
N ALA C 112 -39.63 -11.97 7.87
CA ALA C 112 -40.96 -12.38 8.29
C ALA C 112 -41.35 -13.72 7.69
N ILE C 113 -40.97 -13.98 6.44
CA ILE C 113 -41.29 -15.27 5.83
C ILE C 113 -40.24 -16.34 6.12
N GLY C 114 -39.23 -16.05 6.94
CA GLY C 114 -38.36 -17.08 7.46
C GLY C 114 -37.16 -17.47 6.61
N VAL C 115 -36.65 -16.57 5.75
CA VAL C 115 -35.38 -16.91 5.13
C VAL C 115 -34.32 -17.00 6.22
N ASP C 116 -33.23 -17.70 5.92
CA ASP C 116 -32.16 -17.84 6.90
C ASP C 116 -31.15 -16.72 6.82
N TYR C 117 -30.94 -16.16 5.63
CA TYR C 117 -30.06 -15.01 5.44
C TYR C 117 -30.68 -14.07 4.41
N VAL C 118 -30.48 -12.78 4.63
CA VAL C 118 -30.72 -11.79 3.60
C VAL C 118 -29.37 -11.38 3.02
N ASP C 119 -29.27 -11.39 1.70
CA ASP C 119 -28.13 -10.82 1.00
C ASP C 119 -28.53 -9.43 0.53
N GLU C 120 -27.98 -8.40 1.17
CA GLU C 120 -28.19 -7.02 0.71
C GLU C 120 -27.30 -6.84 -0.52
N SER C 121 -27.87 -7.04 -1.70
CA SER C 121 -27.08 -7.40 -2.87
C SER C 121 -27.04 -6.29 -3.91
N GLU C 122 -25.86 -6.07 -4.46
CA GLU C 122 -25.66 -5.11 -5.54
C GLU C 122 -26.16 -5.63 -6.87
N VAL C 123 -26.39 -6.94 -7.02
CA VAL C 123 -26.93 -7.35 -8.32
C VAL C 123 -28.38 -6.91 -8.44
N LEU C 124 -29.08 -6.69 -7.34
CA LEU C 124 -30.38 -6.05 -7.43
C LEU C 124 -30.22 -4.54 -7.63
N THR C 125 -31.33 -3.88 -7.98
CA THR C 125 -31.32 -2.44 -8.24
C THR C 125 -31.23 -1.67 -6.93
N LEU C 126 -30.18 -0.85 -6.81
CA LEU C 126 -30.01 0.03 -5.65
C LEU C 126 -31.30 0.77 -5.31
N ALA C 127 -31.74 0.67 -4.05
CA ALA C 127 -32.92 1.39 -3.58
C ALA C 127 -32.58 2.63 -2.77
N ASP C 128 -31.44 2.65 -2.11
CA ASP C 128 -30.95 3.81 -1.38
C ASP C 128 -29.50 3.97 -1.78
N GLU C 129 -29.20 5.02 -2.54
CA GLU C 129 -27.85 5.21 -3.03
C GLU C 129 -26.89 5.71 -1.96
N ASP C 130 -27.40 6.10 -0.78
CA ASP C 130 -26.60 6.72 0.26
C ASP C 130 -26.46 5.90 1.53
N ASN C 131 -27.36 4.94 1.78
CA ASN C 131 -27.32 4.16 3.00
C ASN C 131 -27.59 2.70 2.69
N HIS C 132 -26.92 1.83 3.43
CA HIS C 132 -27.30 0.43 3.47
C HIS C 132 -28.32 0.19 4.59
N ILE C 133 -28.86 -1.03 4.61
CA ILE C 133 -29.80 -1.44 5.63
C ILE C 133 -29.11 -1.46 6.98
N ASN C 134 -29.79 -0.96 8.00
CA ASN C 134 -29.30 -1.15 9.37
C ASN C 134 -29.53 -2.60 9.78
N LYS C 135 -28.53 -3.44 9.59
CA LYS C 135 -28.76 -4.87 9.75
C LYS C 135 -28.85 -5.29 11.21
N HIS C 136 -28.50 -4.42 12.14
CA HIS C 136 -28.63 -4.72 13.56
C HIS C 136 -30.09 -4.82 14.01
N ASN C 137 -31.03 -4.29 13.21
CA ASN C 137 -32.46 -4.34 13.56
C ASN C 137 -33.12 -5.65 13.20
N PHE C 138 -32.35 -6.65 12.77
CA PHE C 138 -32.90 -7.92 12.33
C PHE C 138 -32.32 -9.04 13.17
N LYS C 139 -33.08 -10.14 13.27
CA LYS C 139 -32.63 -11.29 14.04
C LYS C 139 -31.77 -12.21 13.20
N ILE C 140 -32.02 -12.30 11.90
CA ILE C 140 -31.31 -13.22 11.04
C ILE C 140 -30.07 -12.56 10.43
N PRO C 141 -29.04 -13.35 10.11
CA PRO C 141 -27.79 -12.76 9.61
C PRO C 141 -27.92 -12.26 8.18
N PHE C 142 -27.10 -11.26 7.86
CA PHE C 142 -27.05 -10.66 6.53
C PHE C 142 -25.72 -10.94 5.85
N VAL C 143 -25.78 -11.08 4.52
CA VAL C 143 -24.61 -11.06 3.65
C VAL C 143 -24.55 -9.69 2.98
N CYS C 144 -23.35 -9.13 2.88
CA CYS C 144 -23.15 -7.93 2.09
C CYS C 144 -21.95 -8.12 1.19
N GLY C 145 -21.95 -7.37 0.10
CA GLY C 145 -20.85 -7.40 -0.84
C GLY C 145 -19.76 -6.38 -0.50
N CYS C 146 -18.61 -6.56 -1.11
CA CYS C 146 -17.52 -5.59 -0.95
C CYS C 146 -16.54 -5.75 -2.08
N ARG C 147 -15.84 -4.65 -2.39
CA ARG C 147 -14.72 -4.66 -3.32
C ARG C 147 -13.39 -4.46 -2.63
N ASN C 148 -13.38 -4.03 -1.37
CA ASN C 148 -12.16 -3.72 -0.66
C ASN C 148 -12.45 -3.85 0.83
N LEU C 149 -11.37 -3.78 1.62
CA LEU C 149 -11.50 -3.96 3.06
C LEU C 149 -12.41 -2.91 3.69
N GLY C 150 -12.26 -1.65 3.30
CA GLY C 150 -13.06 -0.60 3.90
C GLY C 150 -14.54 -0.84 3.72
N GLU C 151 -14.93 -1.22 2.50
CA GLU C 151 -16.33 -1.56 2.25
C GLU C 151 -16.75 -2.71 3.14
N ALA C 152 -15.91 -3.75 3.21
CA ALA C 152 -16.25 -4.92 4.02
C ALA C 152 -16.50 -4.53 5.47
N LEU C 153 -15.62 -3.71 6.02
CA LEU C 153 -15.75 -3.36 7.42
C LEU C 153 -16.95 -2.44 7.67
N ARG C 154 -17.27 -1.56 6.71
CA ARG C 154 -18.46 -0.73 6.86
C ARG C 154 -19.72 -1.57 6.85
N ARG C 155 -19.79 -2.57 5.96
CA ARG C 155 -20.92 -3.48 5.98
C ARG C 155 -21.02 -4.22 7.31
N ILE C 156 -19.88 -4.66 7.85
CA ILE C 156 -19.88 -5.40 9.11
C ILE C 156 -20.35 -4.50 10.25
N ARG C 157 -19.88 -3.24 10.29
CA ARG C 157 -20.37 -2.33 11.32
C ARG C 157 -21.89 -2.14 11.21
N GLU C 158 -22.42 -2.12 10.00
CA GLU C 158 -23.87 -2.03 9.84
C GLU C 158 -24.58 -3.29 10.31
N GLY C 159 -23.83 -4.37 10.61
CA GLY C 159 -24.41 -5.60 11.09
C GLY C 159 -24.27 -6.79 10.16
N ALA C 160 -23.61 -6.68 9.00
CA ALA C 160 -23.40 -7.84 8.14
C ALA C 160 -22.63 -8.92 8.92
N ALA C 161 -23.13 -10.17 8.82
CA ALA C 161 -22.49 -11.29 9.50
C ALA C 161 -21.64 -12.11 8.55
N MET C 162 -21.64 -11.77 7.27
CA MET C 162 -20.92 -12.54 6.28
C MET C 162 -20.67 -11.61 5.11
N ILE C 163 -19.50 -11.75 4.50
CA ILE C 163 -19.08 -10.84 3.45
C ILE C 163 -18.87 -11.60 2.17
N ARG C 164 -19.42 -11.06 1.10
CA ARG C 164 -19.27 -11.58 -0.25
C ARG C 164 -18.30 -10.64 -0.97
N THR C 165 -17.12 -11.13 -1.31
CA THR C 165 -16.13 -10.28 -1.96
C THR C 165 -16.40 -10.38 -3.45
N ARG C 166 -17.05 -9.36 -3.99
CA ARG C 166 -17.68 -9.47 -5.28
C ARG C 166 -16.78 -8.97 -6.39
N GLY C 167 -16.92 -9.59 -7.55
CA GLY C 167 -16.34 -9.04 -8.74
C GLY C 167 -17.44 -8.49 -9.64
N GLU C 168 -17.63 -9.12 -10.78
CA GLU C 168 -18.59 -8.69 -11.77
C GLU C 168 -19.56 -9.84 -11.94
N ALA C 169 -20.80 -9.63 -11.52
CA ALA C 169 -21.77 -10.70 -11.58
C ALA C 169 -22.26 -10.86 -13.01
N GLY C 170 -22.41 -12.11 -13.44
CA GLY C 170 -23.06 -12.40 -14.70
C GLY C 170 -22.20 -12.28 -15.94
N THR C 171 -20.87 -12.21 -15.81
CA THR C 171 -20.00 -12.16 -16.98
C THR C 171 -19.18 -13.42 -17.18
N GLY C 172 -19.16 -14.33 -16.21
CA GLY C 172 -18.26 -15.46 -16.23
C GLY C 172 -16.79 -15.12 -16.19
N ASN C 173 -16.44 -13.88 -15.89
CA ASN C 173 -15.06 -13.44 -15.87
C ASN C 173 -14.64 -13.20 -14.42
N VAL C 174 -13.72 -14.04 -13.92
CA VAL C 174 -13.28 -13.91 -12.53
C VAL C 174 -12.35 -12.74 -12.29
N VAL C 175 -12.02 -11.94 -13.31
CA VAL C 175 -10.90 -11.01 -13.16
C VAL C 175 -11.17 -9.99 -12.05
N GLU C 176 -12.41 -9.51 -11.94
CA GLU C 176 -12.69 -8.54 -10.88
C GLU C 176 -12.78 -9.20 -9.51
N ALA C 177 -13.28 -10.44 -9.43
CA ALA C 177 -13.27 -11.13 -8.14
C ALA C 177 -11.84 -11.41 -7.68
N VAL C 178 -10.96 -11.77 -8.60
CA VAL C 178 -9.56 -11.93 -8.25
C VAL C 178 -9.01 -10.61 -7.70
N ARG C 179 -9.28 -9.52 -8.42
CA ARG C 179 -8.85 -8.19 -7.98
C ARG C 179 -9.36 -7.90 -6.57
N HIS C 180 -10.63 -8.18 -6.29
CA HIS C 180 -11.19 -7.77 -5.02
C HIS C 180 -10.80 -8.71 -3.89
N VAL C 181 -10.69 -10.01 -4.17
CA VAL C 181 -10.17 -10.95 -3.18
C VAL C 181 -8.72 -10.59 -2.83
N ARG C 182 -7.88 -10.36 -3.84
CA ARG C 182 -6.51 -9.93 -3.58
C ARG C 182 -6.46 -8.59 -2.86
N SER C 183 -7.37 -7.67 -3.20
CA SER C 183 -7.39 -6.37 -2.53
C SER C 183 -7.75 -6.53 -1.05
N VAL C 184 -8.82 -7.25 -0.75
CA VAL C 184 -9.20 -7.46 0.65
C VAL C 184 -8.12 -8.21 1.40
N ASN C 185 -7.61 -9.29 0.82
CA ASN C 185 -6.63 -10.08 1.55
C ASN C 185 -5.28 -9.36 1.65
N GLY C 186 -4.89 -8.66 0.58
CA GLY C 186 -3.66 -7.90 0.66
C GLY C 186 -3.75 -6.80 1.69
N ALA C 187 -4.93 -6.17 1.82
CA ALA C 187 -5.10 -5.13 2.83
C ALA C 187 -5.06 -5.74 4.22
N ILE C 188 -5.63 -6.95 4.37
CA ILE C 188 -5.54 -7.62 5.67
C ILE C 188 -4.08 -7.93 6.00
N ARG C 189 -3.34 -8.45 5.02
CA ARG C 189 -1.93 -8.77 5.25
C ARG C 189 -1.13 -7.52 5.56
N LEU C 190 -1.37 -6.45 4.79
CA LEU C 190 -0.78 -5.14 5.11
C LEU C 190 -1.08 -4.76 6.56
N LEU C 191 -2.34 -4.93 6.96
CA LEU C 191 -2.76 -4.59 8.31
C LEU C 191 -2.06 -5.46 9.35
N ARG C 192 -1.90 -6.76 9.07
CA ARG C 192 -1.27 -7.68 10.03
C ARG C 192 0.07 -7.15 10.53
N SER C 193 0.93 -6.75 9.61
CA SER C 193 2.27 -6.31 9.95
C SER C 193 2.38 -4.79 10.12
N MET C 194 1.27 -4.06 10.06
CA MET C 194 1.35 -2.61 10.10
C MET C 194 1.72 -2.11 11.48
N ASP C 195 2.57 -1.09 11.54
CA ASP C 195 2.84 -0.39 12.78
C ASP C 195 1.53 0.08 13.43
N ASP C 196 1.33 -0.31 14.68
CA ASP C 196 0.14 0.03 15.44
C ASP C 196 -0.21 1.50 15.32
N ASP C 197 0.80 2.36 15.37
CA ASP C 197 0.54 3.79 15.41
C ASP C 197 0.00 4.31 14.10
N GLU C 198 0.16 3.57 13.01
CA GLU C 198 -0.33 3.97 11.71
C GLU C 198 -1.74 3.44 11.42
N VAL C 199 -2.29 2.61 12.32
CA VAL C 199 -3.60 2.03 12.10
C VAL C 199 -4.70 3.09 12.16
N PHE C 200 -4.53 4.16 12.96
CA PHE C 200 -5.56 5.20 13.01
C PHE C 200 -5.72 5.85 11.65
N THR C 201 -4.60 6.25 11.06
CA THR C 201 -4.63 6.87 9.73
C THR C 201 -5.11 5.88 8.67
N TYR C 202 -4.74 4.61 8.79
CA TYR C 202 -5.25 3.63 7.83
C TYR C 202 -6.77 3.56 7.88
N ALA C 203 -7.33 3.59 9.09
CA ALA C 203 -8.79 3.49 9.24
C ALA C 203 -9.48 4.72 8.67
N LYS C 204 -8.88 5.90 8.82
CA LYS C 204 -9.38 7.07 8.12
C LYS C 204 -9.28 6.90 6.61
N LYS C 205 -8.15 6.38 6.12
CA LYS C 205 -7.91 6.30 4.68
C LYS C 205 -8.89 5.36 4.00
N ILE C 206 -9.15 4.19 4.59
CA ILE C 206 -10.14 3.28 4.02
C ILE C 206 -11.55 3.53 4.56
N ALA C 207 -11.73 4.57 5.39
CA ALA C 207 -13.05 4.97 5.92
C ALA C 207 -13.77 3.81 6.60
N ALA C 208 -13.07 3.16 7.53
CA ALA C 208 -13.59 2.02 8.25
C ALA C 208 -13.58 2.30 9.74
N PRO C 209 -14.51 1.72 10.49
CA PRO C 209 -14.47 1.86 11.96
C PRO C 209 -13.17 1.31 12.51
N TYR C 210 -12.49 2.12 13.33
CA TYR C 210 -11.20 1.75 13.86
C TYR C 210 -11.24 0.42 14.61
N ASP C 211 -12.27 0.21 15.45
CA ASP C 211 -12.34 -1.02 16.22
C ASP C 211 -12.36 -2.25 15.32
N LEU C 212 -13.10 -2.17 14.21
CA LEU C 212 -13.13 -3.28 13.27
C LEU C 212 -11.79 -3.45 12.55
N VAL C 213 -11.11 -2.34 12.25
CA VAL C 213 -9.78 -2.41 11.63
C VAL C 213 -8.81 -3.14 12.56
N VAL C 214 -8.83 -2.76 13.84
CA VAL C 214 -7.97 -3.40 14.84
C VAL C 214 -8.34 -4.88 15.02
N GLN C 215 -9.63 -5.19 15.07
CA GLN C 215 -10.02 -6.59 15.20
C GLN C 215 -9.48 -7.41 14.03
N THR C 216 -9.55 -6.86 12.82
CA THR C 216 -9.02 -7.51 11.62
C THR C 216 -7.51 -7.70 11.71
N LYS C 217 -6.80 -6.69 12.20
CA LYS C 217 -5.36 -6.83 12.38
C LYS C 217 -5.04 -7.90 13.40
N GLU C 218 -5.77 -7.94 14.53
CA GLU C 218 -5.51 -8.95 15.55
C GLU C 218 -5.83 -10.36 15.06
N LEU C 219 -6.94 -10.53 14.33
CA LEU C 219 -7.28 -11.85 13.82
C LEU C 219 -6.39 -12.27 12.67
N GLY C 220 -5.89 -11.31 11.89
CA GLY C 220 -5.19 -11.68 10.68
C GLY C 220 -6.09 -12.16 9.57
N ARG C 221 -7.41 -11.96 9.70
CA ARG C 221 -8.39 -12.28 8.68
C ARG C 221 -9.62 -11.43 8.92
N LEU C 222 -10.60 -11.52 8.01
CA LEU C 222 -11.82 -10.75 8.17
C LEU C 222 -12.60 -11.24 9.40
N PRO C 223 -13.19 -10.33 10.19
CA PRO C 223 -13.90 -10.75 11.41
C PRO C 223 -15.16 -11.56 11.14
N VAL C 224 -15.58 -11.70 9.90
CA VAL C 224 -16.68 -12.59 9.54
C VAL C 224 -16.21 -13.46 8.38
N VAL C 225 -17.03 -14.46 8.07
CA VAL C 225 -16.78 -15.31 6.92
C VAL C 225 -16.72 -14.46 5.65
N GLN C 226 -15.80 -14.83 4.74
CA GLN C 226 -15.59 -14.14 3.48
C GLN C 226 -15.70 -15.13 2.34
N PHE C 227 -16.73 -15.00 1.52
CA PHE C 227 -16.86 -15.78 0.30
C PHE C 227 -16.52 -14.92 -0.91
N ALA C 228 -16.11 -15.58 -1.98
CA ALA C 228 -15.92 -14.91 -3.27
C ALA C 228 -17.19 -15.02 -4.08
N ALA C 229 -17.42 -14.03 -4.93
CA ALA C 229 -18.57 -14.05 -5.82
C ALA C 229 -18.31 -13.18 -7.04
N GLY C 230 -18.85 -13.62 -8.18
CA GLY C 230 -18.70 -12.87 -9.40
C GLY C 230 -17.82 -13.55 -10.43
N GLY C 231 -18.43 -14.11 -11.45
CA GLY C 231 -17.68 -14.68 -12.55
C GLY C 231 -17.09 -16.05 -12.32
N VAL C 232 -17.41 -16.70 -11.21
CA VAL C 232 -16.94 -18.07 -10.98
C VAL C 232 -17.67 -18.98 -11.96
N ALA C 233 -16.96 -19.49 -12.95
CA ALA C 233 -17.60 -20.20 -14.05
C ALA C 233 -17.17 -21.64 -14.17
N THR C 234 -15.99 -21.99 -13.69
CA THR C 234 -15.43 -23.33 -13.81
C THR C 234 -14.94 -23.78 -12.43
N PRO C 235 -14.76 -25.10 -12.24
CA PRO C 235 -14.14 -25.57 -11.00
C PRO C 235 -12.77 -24.98 -10.76
N ALA C 236 -12.00 -24.72 -11.83
CA ALA C 236 -10.72 -24.05 -11.66
C ALA C 236 -10.92 -22.69 -11.01
N ASP C 237 -11.92 -21.91 -11.47
CA ASP C 237 -12.21 -20.60 -10.88
C ASP C 237 -12.51 -20.72 -9.40
N ALA C 238 -13.40 -21.65 -9.03
CA ALA C 238 -13.81 -21.80 -7.65
C ALA C 238 -12.63 -22.16 -6.76
N ALA C 239 -11.81 -23.12 -7.20
CA ALA C 239 -10.63 -23.49 -6.42
C ALA C 239 -9.61 -22.36 -6.38
N LEU C 240 -9.55 -21.56 -7.46
CA LEU C 240 -8.71 -20.37 -7.44
C LEU C 240 -9.11 -19.45 -6.29
N MET C 241 -10.41 -19.17 -6.19
CA MET C 241 -10.89 -18.33 -5.10
C MET C 241 -10.50 -18.92 -3.75
N MET C 242 -10.61 -20.24 -3.60
CA MET C 242 -10.25 -20.86 -2.32
C MET C 242 -8.75 -20.79 -2.06
N GLN C 243 -7.91 -21.03 -3.08
CA GLN C 243 -6.47 -20.94 -2.86
C GLN C 243 -6.02 -19.51 -2.62
N LEU C 244 -6.79 -18.53 -3.09
CA LEU C 244 -6.54 -17.13 -2.75
C LEU C 244 -6.93 -16.80 -1.31
N GLY C 245 -7.64 -17.66 -0.62
CA GLY C 245 -7.93 -17.47 0.77
C GLY C 245 -9.38 -17.18 1.16
N CYS C 246 -10.34 -17.51 0.31
CA CYS C 246 -11.74 -17.37 0.67
C CYS C 246 -12.22 -18.57 1.47
N ASP C 247 -13.27 -18.37 2.26
CA ASP C 247 -13.91 -19.44 3.02
C ASP C 247 -14.97 -20.19 2.22
N GLY C 248 -15.29 -19.74 1.02
CA GLY C 248 -16.30 -20.39 0.20
C GLY C 248 -16.53 -19.54 -1.03
N VAL C 249 -17.42 -20.01 -1.90
CA VAL C 249 -17.76 -19.24 -3.10
C VAL C 249 -19.26 -19.21 -3.30
N PHE C 250 -19.71 -18.13 -3.94
CA PHE C 250 -21.04 -17.99 -4.52
C PHE C 250 -20.93 -18.25 -6.01
N VAL C 251 -21.91 -18.97 -6.55
CA VAL C 251 -22.06 -19.14 -7.99
C VAL C 251 -23.48 -18.76 -8.33
N GLY C 252 -23.63 -17.71 -9.14
CA GLY C 252 -24.94 -17.21 -9.48
C GLY C 252 -25.38 -17.67 -10.85
N SER C 253 -24.51 -17.46 -11.84
CA SER C 253 -24.80 -17.76 -13.23
C SER C 253 -24.03 -18.97 -13.75
N GLY C 254 -22.84 -19.25 -13.20
CA GLY C 254 -21.96 -20.24 -13.78
C GLY C 254 -22.57 -21.63 -13.86
N VAL C 255 -23.43 -21.97 -12.90
CA VAL C 255 -24.09 -23.28 -12.92
C VAL C 255 -25.25 -23.27 -13.89
N PHE C 256 -26.22 -22.37 -13.68
CA PHE C 256 -27.48 -22.47 -14.37
C PHE C 256 -27.52 -21.73 -15.70
N LYS C 257 -26.42 -21.09 -16.11
CA LYS C 257 -26.26 -20.63 -17.48
C LYS C 257 -25.33 -21.50 -18.30
N SER C 258 -24.83 -22.60 -17.73
CA SER C 258 -23.92 -23.48 -18.44
C SER C 258 -24.68 -24.60 -19.15
N GLY C 259 -23.95 -25.38 -19.94
CA GLY C 259 -24.57 -26.46 -20.69
C GLY C 259 -25.03 -27.61 -19.83
N ASP C 260 -24.31 -27.90 -18.74
CA ASP C 260 -24.60 -29.03 -17.87
C ASP C 260 -24.61 -28.54 -16.43
N PRO C 261 -25.72 -27.94 -15.98
CA PRO C 261 -25.77 -27.44 -14.60
C PRO C 261 -25.59 -28.51 -13.53
N VAL C 262 -26.25 -29.67 -13.63
CA VAL C 262 -26.16 -30.67 -12.55
C VAL C 262 -24.71 -31.12 -12.37
N LYS C 263 -24.02 -31.39 -13.47
CA LYS C 263 -22.64 -31.88 -13.38
C LYS C 263 -21.68 -30.77 -12.98
N ARG C 264 -21.88 -29.56 -13.53
CA ARG C 264 -21.01 -28.44 -13.18
C ARG C 264 -21.17 -28.06 -11.72
N ALA C 265 -22.40 -28.13 -11.21
CA ALA C 265 -22.65 -27.81 -9.81
C ALA C 265 -21.89 -28.76 -8.89
N LYS C 266 -22.00 -30.07 -9.14
CA LYS C 266 -21.26 -31.05 -8.35
C LYS C 266 -19.76 -30.83 -8.48
N ALA C 267 -19.30 -30.52 -9.70
CA ALA C 267 -17.88 -30.30 -9.93
C ALA C 267 -17.37 -29.08 -9.14
N ILE C 268 -18.14 -27.99 -9.13
CA ILE C 268 -17.70 -26.81 -8.40
C ILE C 268 -17.69 -27.08 -6.91
N VAL C 269 -18.69 -27.80 -6.41
CA VAL C 269 -18.69 -28.16 -4.98
C VAL C 269 -17.44 -28.97 -4.65
N GLN C 270 -17.14 -29.99 -5.46
CA GLN C 270 -15.98 -30.83 -5.17
C GLN C 270 -14.69 -30.05 -5.32
N ALA C 271 -14.65 -29.11 -6.27
CA ALA C 271 -13.48 -28.25 -6.40
C ALA C 271 -13.25 -27.46 -5.13
N VAL C 272 -14.31 -26.91 -4.54
CA VAL C 272 -14.16 -26.09 -3.35
C VAL C 272 -13.79 -26.96 -2.15
N THR C 273 -14.32 -28.18 -2.07
CA THR C 273 -13.95 -29.07 -0.96
C THR C 273 -12.51 -29.54 -1.08
N ASN C 274 -12.03 -29.75 -2.32
CA ASN C 274 -10.69 -30.28 -2.53
C ASN C 274 -9.84 -29.29 -3.31
N TYR C 275 -9.80 -28.04 -2.86
CA TYR C 275 -9.31 -26.96 -3.71
C TYR C 275 -7.81 -26.99 -3.92
N ARG C 276 -7.06 -27.77 -3.12
CA ARG C 276 -5.60 -27.89 -3.28
C ARG C 276 -5.18 -29.16 -4.00
N ASP C 277 -6.11 -29.98 -4.47
CA ASP C 277 -5.79 -31.31 -5.00
C ASP C 277 -5.96 -31.24 -6.51
N ALA C 278 -4.84 -31.02 -7.20
CA ALA C 278 -4.89 -30.77 -8.64
C ALA C 278 -5.48 -31.95 -9.39
N ALA C 279 -5.18 -33.17 -8.94
CA ALA C 279 -5.73 -34.35 -9.62
C ALA C 279 -7.24 -34.37 -9.55
N VAL C 280 -7.80 -34.06 -8.38
CA VAL C 280 -9.25 -33.96 -8.26
C VAL C 280 -9.79 -32.80 -9.09
N LEU C 281 -9.12 -31.64 -9.05
CA LEU C 281 -9.57 -30.53 -9.87
C LEU C 281 -9.57 -30.91 -11.33
N ALA C 282 -8.54 -31.63 -11.77
CA ALA C 282 -8.50 -32.08 -13.16
C ALA C 282 -9.68 -33.00 -13.46
N GLU C 283 -9.90 -34.00 -12.59
CA GLU C 283 -10.95 -34.99 -12.84
C GLU C 283 -12.33 -34.34 -12.90
N VAL C 284 -12.65 -33.48 -11.91
CA VAL C 284 -13.99 -32.91 -11.91
C VAL C 284 -14.16 -31.89 -13.04
N SER C 285 -13.06 -31.36 -13.57
CA SER C 285 -13.15 -30.45 -14.71
C SER C 285 -13.28 -31.19 -16.05
N CYS C 286 -13.07 -32.50 -16.06
CA CYS C 286 -12.97 -33.22 -17.33
C CYS C 286 -14.37 -33.48 -17.88
N GLY C 287 -14.58 -33.10 -19.14
CA GLY C 287 -15.83 -33.36 -19.85
C GLY C 287 -17.00 -32.65 -19.22
N LEU C 288 -16.90 -31.34 -19.06
CA LEU C 288 -17.89 -30.59 -18.31
C LEU C 288 -18.84 -29.81 -19.21
N GLY C 289 -18.63 -29.88 -20.51
CA GLY C 289 -19.54 -29.20 -21.40
C GLY C 289 -19.32 -27.69 -21.35
N GLU C 290 -20.22 -26.99 -22.03
CA GLU C 290 -20.10 -25.55 -22.20
C GLU C 290 -20.28 -24.83 -20.87
N ALA C 291 -19.30 -24.00 -20.52
CA ALA C 291 -19.50 -23.01 -19.47
C ALA C 291 -20.48 -21.94 -19.96
N MET C 292 -20.83 -21.00 -19.09
CA MET C 292 -21.75 -19.95 -19.45
C MET C 292 -21.17 -19.05 -20.54
N VAL C 293 -22.06 -18.44 -21.33
CA VAL C 293 -21.68 -17.54 -22.43
C VAL C 293 -20.94 -16.30 -21.93
N PRO D 23 16.79 -26.91 -11.45
CA PRO D 23 15.43 -27.19 -11.90
C PRO D 23 14.87 -26.15 -12.88
N PHE D 24 15.18 -24.86 -12.71
CA PHE D 24 14.81 -23.90 -13.75
C PHE D 24 15.69 -24.07 -14.99
N SER D 25 16.99 -24.30 -14.81
CA SER D 25 17.85 -24.53 -15.97
C SER D 25 17.46 -25.81 -16.70
N VAL D 26 16.95 -26.80 -15.96
CA VAL D 26 16.41 -28.00 -16.59
C VAL D 26 15.27 -27.63 -17.55
N LYS D 27 14.33 -26.79 -17.10
CA LYS D 27 13.22 -26.35 -17.96
C LYS D 27 13.70 -25.46 -19.10
N VAL D 28 14.70 -24.62 -18.84
CA VAL D 28 15.25 -23.82 -19.92
C VAL D 28 15.89 -24.71 -20.97
N GLY D 29 16.61 -25.75 -20.53
CA GLY D 29 17.21 -26.69 -21.45
C GLY D 29 16.18 -27.47 -22.26
N LEU D 30 15.09 -27.89 -21.61
CA LEU D 30 14.03 -28.58 -22.34
C LEU D 30 13.57 -27.75 -23.53
N ALA D 31 13.38 -26.45 -23.31
CA ALA D 31 12.85 -25.61 -24.37
C ALA D 31 13.82 -25.49 -25.54
N GLN D 32 15.12 -25.76 -25.32
CA GLN D 32 16.09 -25.68 -26.42
C GLN D 32 15.75 -26.65 -27.54
N MET D 33 15.14 -27.78 -27.20
CA MET D 33 14.80 -28.78 -28.21
C MET D 33 13.82 -28.28 -29.25
N LEU D 34 13.16 -27.14 -29.02
CA LEU D 34 12.21 -26.63 -29.99
C LEU D 34 12.83 -25.61 -30.93
N ARG D 35 14.09 -25.21 -30.72
CA ARG D 35 14.72 -24.22 -31.59
C ARG D 35 14.66 -24.69 -33.04
N GLY D 36 14.34 -23.77 -33.94
CA GLY D 36 14.18 -24.08 -35.34
C GLY D 36 12.81 -24.60 -35.71
N GLY D 37 11.89 -24.70 -34.77
CA GLY D 37 10.60 -25.29 -35.01
C GLY D 37 9.47 -24.28 -35.16
N VAL D 38 8.34 -24.79 -35.64
CA VAL D 38 7.07 -24.08 -35.66
C VAL D 38 6.16 -24.77 -34.67
N ILE D 39 5.55 -24.01 -33.77
CA ILE D 39 4.53 -24.51 -32.87
C ILE D 39 3.17 -24.06 -33.41
N MET D 40 2.22 -24.98 -33.47
CA MET D 40 0.95 -24.70 -34.12
C MET D 40 -0.20 -24.84 -33.14
N ASP D 41 -1.05 -23.81 -33.08
CA ASP D 41 -2.28 -23.87 -32.31
C ASP D 41 -3.22 -24.89 -32.92
N VAL D 42 -3.81 -25.74 -32.08
CA VAL D 42 -4.77 -26.74 -32.50
C VAL D 42 -5.93 -26.71 -31.50
N VAL D 43 -7.16 -26.87 -31.99
CA VAL D 43 -8.33 -26.91 -31.11
C VAL D 43 -8.93 -28.30 -31.02
N ASN D 44 -8.44 -29.26 -31.79
CA ASN D 44 -8.93 -30.64 -31.73
C ASN D 44 -7.84 -31.56 -32.25
N ALA D 45 -8.11 -32.87 -32.20
CA ALA D 45 -7.09 -33.86 -32.54
C ALA D 45 -6.77 -33.85 -34.03
N GLU D 46 -7.76 -33.55 -34.89
CA GLU D 46 -7.50 -33.52 -36.32
C GLU D 46 -6.46 -32.45 -36.64
N GLN D 47 -6.67 -31.23 -36.14
CA GLN D 47 -5.68 -30.18 -36.33
C GLN D 47 -4.33 -30.59 -35.73
N ALA D 48 -4.33 -31.31 -34.61
CA ALA D 48 -3.08 -31.71 -33.98
C ALA D 48 -2.28 -32.66 -34.88
N ARG D 49 -2.94 -33.62 -35.50
CA ARG D 49 -2.23 -34.55 -36.38
C ARG D 49 -1.73 -33.83 -37.64
N ILE D 50 -2.54 -32.92 -38.19
CA ILE D 50 -2.10 -32.14 -39.35
C ILE D 50 -0.81 -31.39 -39.02
N ALA D 51 -0.76 -30.78 -37.83
CA ALA D 51 0.43 -30.03 -37.45
C ALA D 51 1.65 -30.94 -37.33
N GLU D 52 1.48 -32.12 -36.73
CA GLU D 52 2.63 -33.02 -36.57
C GLU D 52 3.12 -33.52 -37.92
N GLU D 53 2.21 -33.87 -38.82
CA GLU D 53 2.60 -34.36 -40.13
C GLU D 53 3.26 -33.27 -40.95
N ALA D 54 2.88 -32.01 -40.74
CA ALA D 54 3.55 -30.91 -41.41
C ALA D 54 4.97 -30.68 -40.89
N GLY D 55 5.35 -31.34 -39.80
CA GLY D 55 6.69 -31.17 -39.24
C GLY D 55 6.80 -30.17 -38.10
N ALA D 56 5.67 -29.74 -37.53
CA ALA D 56 5.67 -28.85 -36.37
C ALA D 56 6.44 -29.49 -35.22
N CYS D 57 7.14 -28.66 -34.45
CA CYS D 57 7.91 -29.18 -33.33
C CYS D 57 7.07 -29.36 -32.06
N ALA D 58 5.84 -28.85 -32.04
CA ALA D 58 4.95 -29.00 -30.89
C ALA D 58 3.61 -28.43 -31.29
N VAL D 59 2.59 -28.76 -30.50
CA VAL D 59 1.25 -28.23 -30.73
C VAL D 59 0.80 -27.49 -29.48
N MET D 60 -0.13 -26.56 -29.68
CA MET D 60 -0.64 -25.71 -28.62
C MET D 60 -2.15 -25.90 -28.57
N ALA D 61 -2.63 -26.56 -27.52
CA ALA D 61 -4.06 -26.82 -27.39
C ALA D 61 -4.76 -25.59 -26.83
N LEU D 62 -5.80 -25.14 -27.52
CA LEU D 62 -6.61 -24.06 -26.98
C LEU D 62 -8.05 -24.24 -27.45
N GLU D 63 -8.96 -23.48 -26.82
CA GLU D 63 -10.38 -23.65 -27.11
C GLU D 63 -10.73 -23.17 -28.52
N ARG D 64 -10.25 -21.97 -28.88
CA ARG D 64 -10.50 -21.39 -30.19
C ARG D 64 -9.22 -20.77 -30.69
N VAL D 65 -8.99 -20.82 -32.01
CA VAL D 65 -7.81 -20.17 -32.57
C VAL D 65 -7.96 -18.68 -32.31
N PRO D 66 -6.86 -17.92 -32.18
CA PRO D 66 -7.00 -16.51 -31.80
C PRO D 66 -7.88 -15.67 -32.73
N ALA D 67 -7.91 -15.94 -34.04
CA ALA D 67 -8.75 -15.13 -34.92
C ALA D 67 -10.23 -15.29 -34.59
N ASP D 68 -10.64 -16.46 -34.06
CA ASP D 68 -12.02 -16.69 -33.66
C ASP D 68 -12.35 -16.06 -32.31
N ILE D 69 -11.43 -16.15 -31.35
CA ILE D 69 -11.62 -15.44 -30.08
C ILE D 69 -11.81 -13.95 -30.33
N ARG D 70 -10.98 -13.38 -31.20
CA ARG D 70 -11.08 -11.95 -31.52
C ARG D 70 -12.41 -11.63 -32.22
N ALA D 71 -12.76 -12.43 -33.23
CA ALA D 71 -13.99 -12.18 -33.97
C ALA D 71 -15.21 -12.36 -33.08
N GLN D 72 -15.25 -13.42 -32.26
CA GLN D 72 -16.47 -13.78 -31.55
C GLN D 72 -16.58 -13.16 -30.16
N GLY D 73 -15.48 -12.69 -29.58
CA GLY D 73 -15.56 -12.25 -28.19
C GLY D 73 -15.84 -13.40 -27.22
N GLY D 74 -16.39 -13.05 -26.05
CA GLY D 74 -16.66 -14.02 -25.00
C GLY D 74 -15.44 -14.39 -24.16
N VAL D 75 -15.65 -14.80 -22.92
CA VAL D 75 -14.56 -15.20 -22.04
C VAL D 75 -13.88 -16.45 -22.57
N ALA D 76 -12.58 -16.39 -22.76
CA ALA D 76 -11.79 -17.52 -23.27
C ALA D 76 -10.93 -18.05 -22.14
N ARG D 77 -11.07 -19.33 -21.83
CA ARG D 77 -10.40 -19.98 -20.71
C ARG D 77 -9.54 -21.14 -21.19
N MET D 78 -8.97 -21.84 -20.21
CA MET D 78 -8.25 -23.08 -20.45
C MET D 78 -9.14 -24.09 -21.15
N SER D 79 -8.55 -24.90 -22.02
CA SER D 79 -9.28 -25.96 -22.69
C SER D 79 -9.77 -26.99 -21.69
N ASP D 80 -10.91 -27.58 -21.98
CA ASP D 80 -11.39 -28.70 -21.19
C ASP D 80 -10.30 -29.78 -21.16
N PRO D 81 -10.01 -30.38 -20.00
CA PRO D 81 -9.00 -31.45 -19.98
C PRO D 81 -9.30 -32.58 -20.96
N GLU D 82 -10.55 -32.86 -21.25
CA GLU D 82 -10.86 -33.95 -22.18
C GLU D 82 -10.25 -33.66 -23.55
N MET D 83 -10.41 -32.42 -24.03
CA MET D 83 -9.84 -32.05 -25.32
C MET D 83 -8.32 -32.14 -25.31
N ILE D 84 -7.70 -31.75 -24.19
CA ILE D 84 -6.24 -31.84 -24.11
C ILE D 84 -5.79 -33.29 -24.11
N LYS D 85 -6.53 -34.17 -23.44
CA LYS D 85 -6.18 -35.59 -23.46
C LYS D 85 -6.27 -36.16 -24.88
N GLU D 86 -7.35 -35.84 -25.59
CA GLU D 86 -7.46 -36.19 -27.00
C GLU D 86 -6.25 -35.74 -27.80
N ILE D 87 -5.82 -34.49 -27.59
CA ILE D 87 -4.71 -33.98 -28.39
C ILE D 87 -3.41 -34.68 -28.02
N LYS D 88 -3.18 -34.92 -26.71
CA LYS D 88 -2.02 -35.70 -26.29
C LYS D 88 -1.99 -37.07 -26.94
N ASN D 89 -3.14 -37.74 -27.04
CA ASN D 89 -3.20 -39.08 -27.59
C ASN D 89 -3.06 -39.12 -29.10
N ALA D 90 -3.16 -37.98 -29.78
CA ALA D 90 -3.10 -37.97 -31.24
C ALA D 90 -1.71 -37.73 -31.78
N VAL D 91 -0.76 -37.29 -30.96
CA VAL D 91 0.57 -36.91 -31.45
C VAL D 91 1.61 -37.33 -30.44
N THR D 92 2.86 -37.34 -30.88
CA THR D 92 3.97 -37.72 -30.03
C THR D 92 4.96 -36.57 -29.82
N ILE D 93 4.78 -35.44 -30.49
CA ILE D 93 5.55 -34.23 -30.25
C ILE D 93 5.00 -33.52 -29.02
N PRO D 94 5.75 -32.63 -28.38
CA PRO D 94 5.24 -31.97 -27.17
C PRO D 94 3.88 -31.30 -27.38
N VAL D 95 3.07 -31.35 -26.32
CA VAL D 95 1.76 -30.71 -26.31
C VAL D 95 1.79 -29.59 -25.28
N MET D 96 1.53 -28.38 -25.74
CA MET D 96 1.40 -27.21 -24.88
C MET D 96 -0.07 -26.87 -24.75
N ALA D 97 -0.40 -26.17 -23.68
CA ALA D 97 -1.78 -25.69 -23.52
C ALA D 97 -1.80 -24.30 -22.90
N LYS D 98 -2.85 -23.54 -23.21
CA LYS D 98 -2.93 -22.17 -22.74
C LYS D 98 -3.68 -22.12 -21.43
N ALA D 99 -3.22 -21.24 -20.55
CA ALA D 99 -3.92 -20.91 -19.31
C ALA D 99 -4.07 -19.40 -19.25
N ARG D 100 -5.11 -18.92 -18.57
CA ARG D 100 -5.29 -17.49 -18.45
C ARG D 100 -4.19 -16.91 -17.58
N ILE D 101 -3.73 -15.71 -17.95
CA ILE D 101 -2.71 -15.03 -17.16
C ILE D 101 -3.19 -14.93 -15.73
N GLY D 102 -2.33 -15.35 -14.79
CA GLY D 102 -2.63 -15.29 -13.38
C GLY D 102 -3.47 -16.45 -12.87
N HIS D 103 -4.02 -17.29 -13.74
CA HIS D 103 -4.90 -18.37 -13.28
C HIS D 103 -4.04 -19.59 -12.96
N PHE D 104 -3.43 -19.57 -11.76
CA PHE D 104 -2.49 -20.62 -11.43
C PHE D 104 -3.18 -21.96 -11.20
N VAL D 105 -4.49 -21.97 -10.95
CA VAL D 105 -5.16 -23.24 -10.77
C VAL D 105 -5.40 -23.91 -12.12
N GLU D 106 -5.75 -23.13 -13.14
CA GLU D 106 -5.78 -23.66 -14.50
C GLU D 106 -4.44 -24.31 -14.85
N ALA D 107 -3.32 -23.69 -14.46
CA ALA D 107 -2.02 -24.27 -14.78
C ALA D 107 -1.76 -25.53 -13.94
N GLN D 108 -2.23 -25.56 -12.68
CA GLN D 108 -2.11 -26.77 -11.87
C GLN D 108 -2.85 -27.94 -12.51
N ILE D 109 -4.04 -27.66 -13.04
CA ILE D 109 -4.80 -28.69 -13.74
C ILE D 109 -4.06 -29.17 -14.99
N LEU D 110 -3.57 -28.22 -15.78
CA LEU D 110 -2.84 -28.57 -17.00
C LEU D 110 -1.61 -29.42 -16.68
N GLU D 111 -0.91 -29.09 -15.59
CA GLU D 111 0.21 -29.91 -15.17
C GLU D 111 -0.26 -31.29 -14.73
N ALA D 112 -1.39 -31.37 -14.04
CA ALA D 112 -1.85 -32.65 -13.52
C ALA D 112 -2.29 -33.59 -14.65
N ILE D 113 -2.75 -33.05 -15.77
CA ILE D 113 -3.11 -33.93 -16.88
C ILE D 113 -1.95 -34.14 -17.84
N GLY D 114 -0.76 -33.70 -17.45
CA GLY D 114 0.43 -34.08 -18.19
C GLY D 114 0.73 -33.33 -19.47
N VAL D 115 0.31 -32.06 -19.60
CA VAL D 115 0.81 -31.26 -20.72
C VAL D 115 2.30 -31.06 -20.52
N ASP D 116 3.00 -30.79 -21.63
CA ASP D 116 4.44 -30.61 -21.56
C ASP D 116 4.85 -29.17 -21.27
N TYR D 117 4.06 -28.20 -21.73
CA TYR D 117 4.28 -26.78 -21.50
C TYR D 117 2.93 -26.12 -21.25
N VAL D 118 2.89 -25.19 -20.30
CA VAL D 118 1.77 -24.27 -20.16
C VAL D 118 2.19 -22.96 -20.80
N ASP D 119 1.35 -22.44 -21.68
CA ASP D 119 1.51 -21.08 -22.18
C ASP D 119 0.56 -20.19 -21.38
N GLU D 120 1.15 -19.38 -20.51
CA GLU D 120 0.39 -18.35 -19.79
C GLU D 120 0.16 -17.21 -20.78
N SER D 121 -1.03 -17.20 -21.39
CA SER D 121 -1.25 -16.57 -22.68
C SER D 121 -2.23 -15.40 -22.61
N GLU D 122 -1.86 -14.32 -23.29
CA GLU D 122 -2.69 -13.14 -23.40
C GLU D 122 -3.84 -13.30 -24.39
N VAL D 123 -3.83 -14.33 -25.25
CA VAL D 123 -4.99 -14.47 -26.11
C VAL D 123 -6.17 -15.00 -25.30
N LEU D 124 -5.92 -15.60 -24.14
CA LEU D 124 -7.02 -15.95 -23.25
C LEU D 124 -7.42 -14.73 -22.42
N THR D 125 -8.59 -14.81 -21.81
CA THR D 125 -9.11 -13.70 -21.01
C THR D 125 -8.32 -13.61 -19.71
N LEU D 126 -7.67 -12.47 -19.50
CA LEU D 126 -6.92 -12.18 -18.29
C LEU D 126 -7.71 -12.54 -17.02
N ALA D 127 -7.10 -13.35 -16.15
CA ALA D 127 -7.73 -13.69 -14.87
C ALA D 127 -7.24 -12.85 -13.70
N ASP D 128 -6.01 -12.37 -13.77
CA ASP D 128 -5.43 -11.53 -12.73
C ASP D 128 -4.76 -10.38 -13.46
N GLU D 129 -5.32 -9.16 -13.31
CA GLU D 129 -4.77 -8.02 -14.04
C GLU D 129 -3.44 -7.55 -13.45
N ASP D 130 -3.09 -7.99 -12.23
CA ASP D 130 -1.93 -7.45 -11.53
C ASP D 130 -0.76 -8.42 -11.37
N ASN D 131 -0.99 -9.73 -11.47
CA ASN D 131 0.05 -10.71 -11.25
C ASN D 131 -0.05 -11.81 -12.29
N HIS D 132 1.11 -12.28 -12.74
CA HIS D 132 1.17 -13.51 -13.51
C HIS D 132 1.30 -14.70 -12.56
N ILE D 133 1.27 -15.89 -13.13
CA ILE D 133 1.44 -17.11 -12.35
C ILE D 133 2.85 -17.17 -11.78
N ASN D 134 2.95 -17.63 -10.54
CA ASN D 134 4.27 -17.98 -10.01
C ASN D 134 4.71 -19.29 -10.64
N LYS D 135 5.45 -19.20 -11.75
CA LYS D 135 5.72 -20.39 -12.54
C LYS D 135 6.80 -21.27 -11.91
N HIS D 136 7.55 -20.77 -10.93
CA HIS D 136 8.53 -21.60 -10.24
C HIS D 136 7.89 -22.69 -9.39
N ASN D 137 6.58 -22.61 -9.10
CA ASN D 137 5.87 -23.64 -8.34
C ASN D 137 5.49 -24.86 -9.16
N PHE D 138 5.89 -24.91 -10.42
CA PHE D 138 5.50 -25.99 -11.30
C PHE D 138 6.73 -26.75 -11.76
N LYS D 139 6.53 -28.02 -12.09
CA LYS D 139 7.62 -28.85 -12.58
C LYS D 139 7.77 -28.75 -14.08
N ILE D 140 6.71 -28.36 -14.80
CA ILE D 140 6.78 -28.30 -16.26
C ILE D 140 7.09 -26.88 -16.71
N PRO D 141 7.66 -26.71 -17.90
CA PRO D 141 8.05 -25.38 -18.35
C PRO D 141 6.86 -24.55 -18.81
N PHE D 142 7.01 -23.23 -18.67
CA PHE D 142 5.99 -22.27 -19.07
C PHE D 142 6.49 -21.40 -20.22
N VAL D 143 5.57 -21.08 -21.14
CA VAL D 143 5.74 -20.03 -22.14
C VAL D 143 5.00 -18.79 -21.66
N CYS D 144 5.60 -17.63 -21.85
CA CYS D 144 4.92 -16.36 -21.64
C CYS D 144 5.16 -15.46 -22.85
N GLY D 145 4.22 -14.55 -23.06
CA GLY D 145 4.37 -13.56 -24.11
C GLY D 145 5.14 -12.32 -23.64
N CYS D 146 5.57 -11.52 -24.59
CA CYS D 146 6.16 -10.24 -24.25
C CYS D 146 6.06 -9.33 -25.46
N ARG D 147 6.09 -8.02 -25.19
CA ARG D 147 6.21 -7.01 -26.23
C ARG D 147 7.55 -6.30 -26.20
N ASN D 148 8.33 -6.46 -25.15
CA ASN D 148 9.63 -5.81 -25.05
C ASN D 148 10.49 -6.63 -24.12
N LEU D 149 11.75 -6.19 -23.97
CA LEU D 149 12.72 -6.99 -23.21
C LEU D 149 12.38 -7.01 -21.73
N GLY D 150 11.95 -5.86 -21.19
CA GLY D 150 11.62 -5.82 -19.77
C GLY D 150 10.52 -6.78 -19.41
N GLU D 151 9.49 -6.85 -20.25
CA GLU D 151 8.41 -7.82 -20.05
C GLU D 151 8.94 -9.25 -20.14
N ALA D 152 9.82 -9.53 -21.10
CA ALA D 152 10.38 -10.87 -21.24
C ALA D 152 11.14 -11.26 -20.00
N LEU D 153 11.99 -10.36 -19.51
CA LEU D 153 12.78 -10.67 -18.33
C LEU D 153 11.89 -10.83 -17.09
N ARG D 154 10.81 -10.06 -17.01
CA ARG D 154 9.91 -10.22 -15.87
C ARG D 154 9.22 -11.58 -15.91
N ARG D 155 8.77 -11.99 -17.09
CA ARG D 155 8.18 -13.32 -17.18
C ARG D 155 9.21 -14.39 -16.83
N ILE D 156 10.46 -14.23 -17.30
CA ILE D 156 11.49 -15.23 -17.02
C ILE D 156 11.75 -15.32 -15.51
N ARG D 157 11.82 -14.17 -14.82
CA ARG D 157 12.05 -14.18 -13.39
C ARG D 157 10.92 -14.86 -12.64
N GLU D 158 9.68 -14.75 -13.14
CA GLU D 158 8.57 -15.48 -12.56
C GLU D 158 8.69 -16.99 -12.80
N GLY D 159 9.57 -17.43 -13.70
CA GLY D 159 9.75 -18.83 -13.99
C GLY D 159 9.45 -19.26 -15.41
N ALA D 160 9.14 -18.36 -16.35
CA ALA D 160 8.94 -18.78 -17.73
C ALA D 160 10.22 -19.36 -18.31
N ALA D 161 10.11 -20.51 -18.96
CA ALA D 161 11.27 -21.14 -19.59
C ALA D 161 11.38 -20.78 -21.06
N MET D 162 10.44 -20.02 -21.59
CA MET D 162 10.43 -19.75 -23.02
C MET D 162 9.59 -18.51 -23.24
N ILE D 163 9.98 -17.71 -24.22
CA ILE D 163 9.33 -16.43 -24.43
C ILE D 163 8.73 -16.38 -25.81
N ARG D 164 7.50 -15.96 -25.87
CA ARG D 164 6.78 -15.74 -27.11
C ARG D 164 6.76 -14.24 -27.33
N THR D 165 7.44 -13.77 -28.36
CA THR D 165 7.48 -12.34 -28.62
C THR D 165 6.30 -12.04 -29.53
N ARG D 166 5.27 -11.44 -28.94
CA ARG D 166 3.93 -11.44 -29.53
C ARG D 166 3.62 -10.12 -30.22
N GLY D 167 2.92 -10.22 -31.34
CA GLY D 167 2.33 -9.05 -31.96
C GLY D 167 0.85 -8.99 -31.66
N GLU D 168 0.03 -9.00 -32.69
CA GLU D 168 -1.41 -9.03 -32.56
C GLU D 168 -1.87 -10.43 -32.93
N ALA D 169 -2.58 -11.07 -32.02
CA ALA D 169 -3.05 -12.41 -32.31
C ALA D 169 -4.29 -12.34 -33.18
N GLY D 170 -4.33 -13.17 -34.23
CA GLY D 170 -5.54 -13.37 -34.98
C GLY D 170 -5.88 -12.32 -36.01
N THR D 171 -4.93 -11.51 -36.46
CA THR D 171 -5.20 -10.53 -37.52
C THR D 171 -4.54 -10.87 -38.85
N GLY D 172 -3.61 -11.83 -38.89
CA GLY D 172 -2.80 -12.05 -40.08
C GLY D 172 -1.87 -10.92 -40.42
N ASN D 173 -1.65 -9.98 -39.51
CA ASN D 173 -0.81 -8.83 -39.77
C ASN D 173 0.40 -8.92 -38.86
N VAL D 174 1.58 -9.11 -39.45
CA VAL D 174 2.80 -9.28 -38.66
C VAL D 174 3.37 -7.97 -38.14
N VAL D 175 2.73 -6.83 -38.43
CA VAL D 175 3.38 -5.54 -38.18
C VAL D 175 3.75 -5.40 -36.72
N GLU D 176 2.88 -5.83 -35.81
CA GLU D 176 3.16 -5.68 -34.39
C GLU D 176 4.18 -6.71 -33.91
N ALA D 177 4.17 -7.91 -34.51
CA ALA D 177 5.22 -8.88 -34.22
C ALA D 177 6.59 -8.39 -34.67
N VAL D 178 6.65 -7.81 -35.87
CA VAL D 178 7.90 -7.22 -36.34
C VAL D 178 8.36 -6.17 -35.35
N ARG D 179 7.44 -5.29 -34.93
CA ARG D 179 7.76 -4.27 -33.93
C ARG D 179 8.34 -4.89 -32.67
N HIS D 180 7.69 -5.93 -32.15
CA HIS D 180 8.11 -6.42 -30.84
C HIS D 180 9.38 -7.27 -30.94
N VAL D 181 9.56 -8.01 -32.04
CA VAL D 181 10.82 -8.72 -32.24
C VAL D 181 11.97 -7.72 -32.38
N ARG D 182 11.77 -6.65 -33.17
CA ARG D 182 12.82 -5.65 -33.30
C ARG D 182 13.06 -4.93 -31.99
N SER D 183 12.01 -4.77 -31.16
CA SER D 183 12.20 -4.15 -29.85
C SER D 183 13.01 -5.04 -28.93
N VAL D 184 12.61 -6.31 -28.78
CA VAL D 184 13.34 -7.21 -27.90
C VAL D 184 14.78 -7.35 -28.36
N ASN D 185 14.98 -7.65 -29.64
CA ASN D 185 16.32 -7.92 -30.12
C ASN D 185 17.14 -6.65 -30.20
N GLY D 186 16.51 -5.53 -30.58
CA GLY D 186 17.21 -4.27 -30.53
C GLY D 186 17.69 -3.94 -29.12
N ALA D 187 16.82 -4.20 -28.14
CA ALA D 187 17.21 -3.97 -26.75
C ALA D 187 18.34 -4.91 -26.33
N ILE D 188 18.33 -6.15 -26.82
CA ILE D 188 19.42 -7.06 -26.51
C ILE D 188 20.71 -6.56 -27.16
N ARG D 189 20.62 -6.09 -28.41
CA ARG D 189 21.81 -5.55 -29.06
C ARG D 189 22.28 -4.27 -28.36
N LEU D 190 21.36 -3.38 -28.00
CA LEU D 190 21.70 -2.22 -27.16
C LEU D 190 22.45 -2.66 -25.91
N LEU D 191 21.89 -3.66 -25.21
CA LEU D 191 22.45 -4.12 -23.95
C LEU D 191 23.84 -4.71 -24.14
N ARG D 192 24.09 -5.34 -25.27
CA ARG D 192 25.38 -6.02 -25.45
C ARG D 192 26.52 -5.01 -25.50
N SER D 193 26.34 -3.91 -26.21
CA SER D 193 27.39 -2.88 -26.27
C SER D 193 27.27 -1.83 -25.18
N MET D 194 26.32 -1.97 -24.26
CA MET D 194 26.07 -0.93 -23.26
C MET D 194 27.18 -0.86 -22.24
N ASP D 195 27.57 0.37 -21.89
CA ASP D 195 28.47 0.58 -20.77
C ASP D 195 27.92 -0.09 -19.51
N ASP D 196 28.78 -0.88 -18.85
CA ASP D 196 28.37 -1.64 -17.66
C ASP D 196 27.76 -0.74 -16.60
N ASP D 197 28.26 0.49 -16.45
CA ASP D 197 27.80 1.34 -15.36
C ASP D 197 26.40 1.88 -15.64
N GLU D 198 25.92 1.78 -16.87
CA GLU D 198 24.59 2.25 -17.19
C GLU D 198 23.54 1.16 -17.10
N VAL D 199 23.96 -0.08 -16.85
CA VAL D 199 23.03 -1.20 -16.85
C VAL D 199 22.08 -1.13 -15.64
N PHE D 200 22.54 -0.58 -14.52
CA PHE D 200 21.66 -0.43 -13.35
C PHE D 200 20.46 0.44 -13.69
N THR D 201 20.74 1.58 -14.31
CA THR D 201 19.66 2.48 -14.71
C THR D 201 18.82 1.85 -15.81
N TYR D 202 19.46 1.13 -16.72
CA TYR D 202 18.70 0.45 -17.76
C TYR D 202 17.70 -0.51 -17.16
N ALA D 203 18.12 -1.32 -16.18
CA ALA D 203 17.24 -2.30 -15.56
C ALA D 203 16.08 -1.62 -14.83
N LYS D 204 16.33 -0.47 -14.21
CA LYS D 204 15.22 0.33 -13.67
C LYS D 204 14.30 0.81 -14.78
N LYS D 205 14.87 1.30 -15.88
CA LYS D 205 14.05 1.90 -16.91
C LYS D 205 13.09 0.89 -17.54
N ILE D 206 13.55 -0.35 -17.72
CA ILE D 206 12.71 -1.33 -18.37
C ILE D 206 12.04 -2.18 -17.31
N ALA D 207 12.25 -1.81 -16.04
CA ALA D 207 11.63 -2.47 -14.90
C ALA D 207 11.86 -3.99 -14.94
N ALA D 208 13.12 -4.37 -15.07
CA ALA D 208 13.50 -5.77 -15.15
C ALA D 208 14.48 -6.12 -14.04
N PRO D 209 14.50 -7.38 -13.58
CA PRO D 209 15.51 -7.81 -12.57
C PRO D 209 16.92 -7.64 -13.10
N TYR D 210 17.74 -6.91 -12.34
CA TYR D 210 19.07 -6.57 -12.82
C TYR D 210 19.87 -7.80 -13.22
N ASP D 211 19.79 -8.88 -12.43
CA ASP D 211 20.60 -10.06 -12.70
C ASP D 211 20.27 -10.67 -14.05
N LEU D 212 18.99 -10.71 -14.41
CA LEU D 212 18.57 -11.21 -15.70
C LEU D 212 18.99 -10.26 -16.81
N VAL D 213 19.04 -8.95 -16.54
CA VAL D 213 19.54 -8.00 -17.52
C VAL D 213 21.01 -8.29 -17.82
N VAL D 214 21.80 -8.47 -16.77
CA VAL D 214 23.21 -8.82 -16.91
C VAL D 214 23.37 -10.14 -17.65
N GLN D 215 22.56 -11.14 -17.31
CA GLN D 215 22.65 -12.43 -18.00
C GLN D 215 22.39 -12.26 -19.49
N THR D 216 21.37 -11.48 -19.84
CA THR D 216 21.13 -11.16 -21.25
C THR D 216 22.32 -10.46 -21.88
N LYS D 217 22.92 -9.51 -21.17
CA LYS D 217 24.09 -8.84 -21.72
C LYS D 217 25.24 -9.82 -21.94
N GLU D 218 25.50 -10.70 -20.96
CA GLU D 218 26.61 -11.65 -21.08
C GLU D 218 26.37 -12.71 -22.14
N LEU D 219 25.14 -13.19 -22.28
CA LEU D 219 24.88 -14.18 -23.31
C LEU D 219 24.86 -13.57 -24.71
N GLY D 220 24.49 -12.30 -24.83
CA GLY D 220 24.25 -11.71 -26.12
C GLY D 220 22.96 -12.13 -26.78
N ARG D 221 22.09 -12.83 -26.05
CA ARG D 221 20.78 -13.23 -26.55
C ARG D 221 19.85 -13.40 -25.36
N LEU D 222 18.58 -13.64 -25.64
CA LEU D 222 17.64 -13.85 -24.55
C LEU D 222 18.02 -15.10 -23.76
N PRO D 223 17.95 -15.06 -22.42
CA PRO D 223 18.38 -16.22 -21.63
C PRO D 223 17.53 -17.46 -21.82
N VAL D 224 16.39 -17.35 -22.51
CA VAL D 224 15.55 -18.49 -22.82
C VAL D 224 15.24 -18.46 -24.31
N VAL D 225 14.70 -19.57 -24.80
CA VAL D 225 14.26 -19.63 -26.18
C VAL D 225 13.23 -18.54 -26.44
N GLN D 226 13.36 -17.88 -27.59
CA GLN D 226 12.48 -16.79 -28.00
C GLN D 226 11.83 -17.12 -29.34
N PHE D 227 10.50 -17.29 -29.34
CA PHE D 227 9.72 -17.51 -30.54
C PHE D 227 8.89 -16.28 -30.88
N ALA D 228 8.71 -16.03 -32.16
CA ALA D 228 7.80 -14.99 -32.62
C ALA D 228 6.39 -15.53 -32.69
N ALA D 229 5.42 -14.66 -32.42
CA ALA D 229 4.03 -15.06 -32.52
C ALA D 229 3.17 -13.84 -32.78
N GLY D 230 2.08 -14.07 -33.53
CA GLY D 230 1.12 -13.03 -33.80
C GLY D 230 1.21 -12.50 -35.20
N GLY D 231 0.25 -12.89 -36.04
CA GLY D 231 0.17 -12.39 -37.39
C GLY D 231 0.89 -13.20 -38.45
N VAL D 232 1.66 -14.23 -38.08
CA VAL D 232 2.36 -15.05 -39.06
C VAL D 232 1.36 -15.77 -39.94
N ALA D 233 1.24 -15.31 -41.18
CA ALA D 233 0.20 -15.79 -42.08
C ALA D 233 0.74 -16.54 -43.29
N THR D 234 1.97 -16.25 -43.70
CA THR D 234 2.58 -16.78 -44.91
C THR D 234 3.98 -17.28 -44.60
N PRO D 235 4.53 -18.15 -45.44
CA PRO D 235 5.94 -18.55 -45.26
C PRO D 235 6.89 -17.38 -45.18
N ALA D 236 6.68 -16.36 -46.03
CA ALA D 236 7.52 -15.18 -45.98
C ALA D 236 7.49 -14.53 -44.59
N ASP D 237 6.30 -14.42 -43.99
CA ASP D 237 6.20 -13.93 -42.61
C ASP D 237 7.08 -14.74 -41.68
N ALA D 238 6.96 -16.06 -41.76
CA ALA D 238 7.66 -16.94 -40.83
C ALA D 238 9.16 -16.82 -40.99
N ALA D 239 9.64 -16.81 -42.24
CA ALA D 239 11.07 -16.65 -42.48
C ALA D 239 11.52 -15.25 -42.11
N LEU D 240 10.62 -14.27 -42.22
CA LEU D 240 10.94 -12.92 -41.75
C LEU D 240 11.27 -12.93 -40.27
N MET D 241 10.44 -13.61 -39.47
CA MET D 241 10.70 -13.69 -38.04
C MET D 241 12.04 -14.36 -37.76
N MET D 242 12.36 -15.43 -38.49
CA MET D 242 13.65 -16.07 -38.28
C MET D 242 14.79 -15.16 -38.70
N GLN D 243 14.67 -14.49 -39.86
CA GLN D 243 15.75 -13.60 -40.29
C GLN D 243 15.91 -12.41 -39.34
N LEU D 244 14.83 -12.01 -38.64
CA LEU D 244 14.96 -11.04 -37.55
C LEU D 244 15.53 -11.64 -36.27
N GLY D 245 15.85 -12.93 -36.25
CA GLY D 245 16.60 -13.50 -35.16
C GLY D 245 15.80 -14.22 -34.09
N CYS D 246 14.61 -14.71 -34.41
CA CYS D 246 13.89 -15.57 -33.49
C CYS D 246 14.41 -17.00 -33.59
N ASP D 247 14.12 -17.79 -32.56
CA ASP D 247 14.49 -19.21 -32.55
C ASP D 247 13.42 -20.09 -33.17
N GLY D 248 12.23 -19.56 -33.42
CA GLY D 248 11.11 -20.32 -33.95
C GLY D 248 9.90 -19.41 -34.02
N VAL D 249 8.78 -19.97 -34.47
CA VAL D 249 7.57 -19.18 -34.62
C VAL D 249 6.36 -19.99 -34.16
N PHE D 250 5.40 -19.29 -33.54
CA PHE D 250 4.05 -19.81 -33.35
C PHE D 250 3.19 -19.38 -34.52
N VAL D 251 2.31 -20.28 -34.95
CA VAL D 251 1.24 -19.94 -35.87
C VAL D 251 -0.04 -20.39 -35.23
N GLY D 252 -0.92 -19.45 -34.92
CA GLY D 252 -2.17 -19.74 -34.25
C GLY D 252 -3.33 -19.84 -35.21
N SER D 253 -3.49 -18.82 -36.04
CA SER D 253 -4.60 -18.73 -36.98
C SER D 253 -4.19 -18.93 -38.43
N GLY D 254 -2.94 -18.59 -38.78
CA GLY D 254 -2.54 -18.58 -40.17
C GLY D 254 -2.74 -19.91 -40.89
N VAL D 255 -2.59 -21.03 -40.17
CA VAL D 255 -2.75 -22.34 -40.79
C VAL D 255 -4.21 -22.71 -40.92
N PHE D 256 -4.94 -22.69 -39.80
CA PHE D 256 -6.28 -23.27 -39.80
C PHE D 256 -7.38 -22.26 -40.12
N LYS D 257 -7.06 -20.98 -40.24
CA LYS D 257 -7.99 -20.04 -40.86
C LYS D 257 -7.70 -19.81 -42.35
N SER D 258 -6.77 -20.57 -42.92
CA SER D 258 -6.39 -20.41 -44.32
C SER D 258 -7.14 -21.41 -45.22
N GLY D 259 -7.00 -21.20 -46.53
CA GLY D 259 -7.71 -22.02 -47.49
C GLY D 259 -7.20 -23.45 -47.58
N ASP D 260 -5.89 -23.64 -47.48
CA ASP D 260 -5.28 -24.98 -47.54
C ASP D 260 -4.39 -25.20 -46.32
N PRO D 261 -4.97 -25.62 -45.19
CA PRO D 261 -4.16 -25.81 -43.98
C PRO D 261 -2.99 -26.78 -44.14
N VAL D 262 -3.19 -27.92 -44.80
CA VAL D 262 -2.14 -28.94 -44.83
C VAL D 262 -0.92 -28.45 -45.60
N LYS D 263 -1.15 -27.79 -46.74
CA LYS D 263 -0.03 -27.32 -47.54
C LYS D 263 0.63 -26.11 -46.89
N ARG D 264 -0.19 -25.19 -46.36
CA ARG D 264 0.38 -24.00 -45.72
C ARG D 264 1.21 -24.39 -44.51
N ALA D 265 0.77 -25.40 -43.75
CA ALA D 265 1.52 -25.80 -42.58
C ALA D 265 2.88 -26.36 -42.96
N LYS D 266 2.94 -27.21 -43.98
CA LYS D 266 4.24 -27.71 -44.42
C LYS D 266 5.11 -26.58 -44.96
N ALA D 267 4.49 -25.67 -45.71
CA ALA D 267 5.24 -24.56 -46.29
C ALA D 267 5.82 -23.66 -45.20
N ILE D 268 5.03 -23.36 -44.17
CA ILE D 268 5.53 -22.56 -43.06
C ILE D 268 6.64 -23.28 -42.31
N VAL D 269 6.51 -24.60 -42.14
CA VAL D 269 7.56 -25.36 -41.47
C VAL D 269 8.83 -25.34 -42.30
N GLN D 270 8.72 -25.57 -43.61
CA GLN D 270 9.89 -25.55 -44.48
C GLN D 270 10.49 -24.15 -44.54
N ALA D 271 9.65 -23.11 -44.48
CA ALA D 271 10.16 -21.75 -44.51
C ALA D 271 11.02 -21.47 -43.29
N VAL D 272 10.58 -21.95 -42.13
CA VAL D 272 11.33 -21.71 -40.90
C VAL D 272 12.60 -22.54 -40.88
N THR D 273 12.54 -23.76 -41.42
CA THR D 273 13.74 -24.59 -41.50
C THR D 273 14.75 -24.00 -42.47
N ASN D 274 14.29 -23.42 -43.59
CA ASN D 274 15.20 -22.89 -44.60
C ASN D 274 15.07 -21.37 -44.76
N TYR D 275 15.08 -20.63 -43.66
CA TYR D 275 14.63 -19.24 -43.70
C TYR D 275 15.55 -18.30 -44.45
N ARG D 276 16.78 -18.71 -44.78
CA ARG D 276 17.69 -17.86 -45.56
C ARG D 276 17.75 -18.22 -47.04
N ASP D 277 16.93 -19.15 -47.50
CA ASP D 277 17.06 -19.70 -48.85
C ASP D 277 15.89 -19.19 -49.69
N ALA D 278 16.13 -18.07 -50.37
CA ALA D 278 15.07 -17.40 -51.11
C ALA D 278 14.44 -18.33 -52.13
N ALA D 279 15.26 -19.18 -52.76
CA ALA D 279 14.74 -20.14 -53.73
C ALA D 279 13.71 -21.07 -53.08
N VAL D 280 14.05 -21.62 -51.91
CA VAL D 280 13.08 -22.47 -51.19
C VAL D 280 11.86 -21.65 -50.80
N LEU D 281 12.08 -20.46 -50.23
CA LEU D 281 10.96 -19.63 -49.80
C LEU D 281 10.01 -19.36 -50.96
N ALA D 282 10.57 -19.06 -52.13
CA ALA D 282 9.73 -18.85 -53.31
C ALA D 282 8.98 -20.12 -53.67
N GLU D 283 9.67 -21.26 -53.60
CA GLU D 283 9.07 -22.53 -53.98
C GLU D 283 7.91 -22.88 -53.07
N VAL D 284 8.12 -22.89 -51.75
CA VAL D 284 7.07 -23.32 -50.84
C VAL D 284 5.92 -22.31 -50.79
N SER D 285 6.17 -21.06 -51.16
CA SER D 285 5.09 -20.08 -51.21
C SER D 285 4.25 -20.20 -52.48
N CYS D 286 4.70 -20.93 -53.48
CA CYS D 286 4.04 -20.95 -54.77
C CYS D 286 2.73 -21.73 -54.69
N GLY D 287 1.65 -21.10 -55.15
CA GLY D 287 0.37 -21.75 -55.29
C GLY D 287 -0.26 -22.18 -53.99
N LEU D 288 -0.22 -21.32 -52.98
CA LEU D 288 -0.56 -21.70 -51.62
C LEU D 288 -2.03 -21.47 -51.28
N GLY D 289 -2.79 -20.86 -52.18
CA GLY D 289 -4.18 -20.59 -51.90
C GLY D 289 -4.39 -19.35 -51.05
N GLU D 290 -5.61 -19.20 -50.54
CA GLU D 290 -5.98 -18.02 -49.78
C GLU D 290 -5.34 -18.06 -48.39
N ALA D 291 -4.70 -16.95 -48.01
CA ALA D 291 -4.31 -16.76 -46.63
C ALA D 291 -5.55 -16.46 -45.78
N MET D 292 -5.36 -16.42 -44.46
CA MET D 292 -6.46 -16.12 -43.56
C MET D 292 -7.02 -14.73 -43.84
N VAL D 293 -8.32 -14.57 -43.56
CA VAL D 293 -9.03 -13.31 -43.81
C VAL D 293 -8.64 -12.27 -42.76
#